data_3KRA
#
_entry.id   3KRA
#
_cell.length_a   54.281
_cell.length_b   109.255
_cell.length_c   182.504
_cell.angle_alpha   90.00
_cell.angle_beta   90.00
_cell.angle_gamma   90.00
#
_symmetry.space_group_name_H-M   'P 21 21 21'
#
loop_
_entity.id
_entity.type
_entity.pdbx_description
1 polymer 'Geranyl diphosphate synthase large subunit'
2 polymer 'Geranyl diphosphate synthase small subunit'
3 non-polymer 'MAGNESIUM ION'
4 non-polymer 1,2-ETHANEDIOL
5 water water
#
loop_
_entity_poly.entity_id
_entity_poly.type
_entity_poly.pdbx_seq_one_letter_code
_entity_poly.pdbx_strand_id
1 'polypeptide(L)'
;MFDFDGYMLRKAKSVNKALEAAVQMKEPLKIHESMRYSLLAGGKRVRPMLCIAACELVGGDESTAMPAACAVEMIHTMSL
MHDDLPCMDNDDLRRGKPTNHMAFGESVAVLAGDALLSFAFEHVAAATKGAPPERIVRVLGELAVSIGSEGLVAGQVVDV
CSEGMAEVGLDHLEFIHHHKTAALLQGSVVLGAILGGGKEEEVAKLRKFANCIGLLFQVVDDILDVTKSSKELGKTAGKD
LVADKTTYPKLIGVEKSKEFADRLNREAQEQLLHFHPHRAAPLIALANYIAYRDN
;
A,D
2 'polypeptide(L)'
;MQPYWAAIEADIERYLKKSITIRPPETVFGPMHHLTFAAPATAASTLCLAACELVGGDRSQAMAAAAAIHLVHAAAYVHE
HLPLTDGSRPVSKPAIQHKYGPNVELLTGDGIVPFGFELLAGSVDPARTDDPDRILRVIIEISRAGGPEGMISGLHREEE
IVDGNTSLDFIEYVCKKKYGEMHACGAACGAILGGAAEEEIQKLRNFGLYQGTLRGMMEMKNSHQLIDENIIGKLKELAL
EELGGFHGKNAELMSSLVAEPSLYAAHHHHHHHH
;
B,C
#
# COMPACT_ATOMS: atom_id res chain seq x y z
N MET A 1 18.26 -43.46 6.77
CA MET A 1 19.02 -42.56 5.84
C MET A 1 20.22 -41.88 6.56
N PHE A 2 21.05 -41.19 5.80
CA PHE A 2 22.13 -40.46 6.47
C PHE A 2 21.69 -39.02 6.69
N ASP A 3 21.99 -38.47 7.85
CA ASP A 3 21.72 -37.07 8.17
C ASP A 3 20.27 -36.55 7.98
N PHE A 4 19.38 -37.25 8.65
CA PHE A 4 17.99 -36.83 8.74
C PHE A 4 17.92 -35.40 9.29
N ASP A 5 18.68 -35.08 10.33
CA ASP A 5 18.65 -33.73 10.89
C ASP A 5 18.98 -32.71 9.82
N GLY A 6 20.02 -33.01 9.06
CA GLY A 6 20.47 -32.08 8.01
C GLY A 6 19.42 -31.91 6.91
N TYR A 7 18.74 -33.00 6.60
CA TYR A 7 17.68 -32.94 5.58
C TYR A 7 16.59 -31.97 6.11
N MET A 8 16.17 -32.16 7.36
CA MET A 8 15.12 -31.32 7.94
C MET A 8 15.55 -29.87 7.99
N LEU A 9 16.80 -29.61 8.34
CA LEU A 9 17.26 -28.22 8.44
C LEU A 9 17.30 -27.59 7.09
N ARG A 10 17.65 -28.38 6.05
CA ARG A 10 17.71 -27.72 4.75
C ARG A 10 16.29 -27.40 4.24
N LYS A 11 15.32 -28.27 4.54
CA LYS A 11 13.97 -28.01 4.07
C LYS A 11 13.45 -26.77 4.82
N ALA A 12 13.72 -26.71 6.10
CA ALA A 12 13.25 -25.57 6.91
C ALA A 12 13.84 -24.26 6.43
N LYS A 13 15.11 -24.26 6.05
CA LYS A 13 15.73 -23.03 5.56
C LYS A 13 15.07 -22.56 4.29
N SER A 14 14.84 -23.48 3.31
CA SER A 14 14.17 -23.05 2.08
C SER A 14 12.78 -22.47 2.37
N VAL A 15 12.08 -23.17 3.24
CA VAL A 15 10.73 -22.75 3.54
C VAL A 15 10.78 -21.41 4.25
N ASN A 16 11.69 -21.27 5.19
CA ASN A 16 11.79 -19.96 5.91
C ASN A 16 12.02 -18.85 4.92
N LYS A 17 12.85 -19.12 3.92
CA LYS A 17 13.13 -18.11 2.89
C LYS A 17 11.89 -17.77 2.07
N ALA A 18 11.09 -18.80 1.73
CA ALA A 18 9.86 -18.63 0.95
C ALA A 18 8.78 -17.90 1.79
N LEU A 19 8.70 -18.23 3.06
CA LEU A 19 7.70 -17.57 3.93
C LEU A 19 8.01 -16.08 4.04
N GLU A 20 9.27 -15.74 4.30
CA GLU A 20 9.71 -14.33 4.40
C GLU A 20 9.36 -13.56 3.14
N ALA A 21 9.55 -14.20 1.98
CA ALA A 21 9.27 -13.51 0.75
C ALA A 21 7.77 -13.35 0.50
N ALA A 22 6.98 -14.32 0.94
CA ALA A 22 5.54 -14.33 0.65
C ALA A 22 4.76 -13.38 1.54
N VAL A 23 5.26 -13.10 2.72
CA VAL A 23 4.47 -12.25 3.66
C VAL A 23 5.39 -11.14 4.08
N GLN A 24 5.37 -10.08 3.27
CA GLN A 24 6.22 -8.91 3.44
C GLN A 24 5.49 -7.86 4.28
N MET A 25 6.27 -7.02 4.93
CA MET A 25 5.63 -5.90 5.64
C MET A 25 5.01 -4.97 4.57
N LYS A 26 3.81 -4.50 4.84
CA LYS A 26 3.14 -3.55 3.96
C LYS A 26 2.00 -2.99 4.77
N GLU A 27 1.35 -1.96 4.24
CA GLU A 27 0.22 -1.34 4.97
C GLU A 27 -0.97 -2.28 4.96
N PRO A 28 -1.71 -2.40 6.06
CA PRO A 28 -1.58 -1.76 7.38
C PRO A 28 -0.44 -2.53 8.04
N LEU A 29 0.56 -1.80 8.51
CA LEU A 29 1.73 -2.39 9.15
C LEU A 29 1.46 -3.26 10.35
N LYS A 30 0.56 -2.90 11.26
CA LYS A 30 0.37 -3.82 12.40
C LYS A 30 -0.13 -5.23 12.04
N ILE A 31 -1.04 -5.30 11.12
CA ILE A 31 -1.56 -6.60 10.70
C ILE A 31 -0.42 -7.45 10.14
N HIS A 32 0.35 -6.88 9.23
CA HIS A 32 1.46 -7.62 8.60
C HIS A 32 2.58 -7.92 9.59
N GLU A 33 2.85 -6.98 10.49
CA GLU A 33 3.84 -7.16 11.55
C GLU A 33 3.43 -8.37 12.44
N SER A 34 2.15 -8.45 12.81
CA SER A 34 1.60 -9.56 13.64
C SER A 34 1.71 -10.88 12.83
N MET A 35 1.29 -10.83 11.57
CA MET A 35 1.43 -12.06 10.75
C MET A 35 2.85 -12.59 10.81
N ARG A 36 3.84 -11.74 10.51
CA ARG A 36 5.23 -12.16 10.50
C ARG A 36 5.79 -12.53 11.87
N TYR A 37 5.35 -11.84 12.91
CA TYR A 37 5.81 -12.11 14.29
C TYR A 37 5.69 -13.59 14.64
N SER A 38 4.56 -14.21 14.26
CA SER A 38 4.31 -15.62 14.55
C SER A 38 4.76 -16.55 13.43
N LEU A 39 4.60 -16.12 12.20
CA LEU A 39 4.98 -16.98 11.05
C LEU A 39 6.48 -17.17 10.87
N LEU A 40 7.25 -16.10 11.08
CA LEU A 40 8.70 -16.15 10.80
C LEU A 40 9.55 -16.44 12.03
N ALA A 41 8.99 -17.07 13.04
CA ALA A 41 9.75 -17.34 14.25
C ALA A 41 10.58 -18.63 14.20
N GLY A 42 10.68 -19.28 13.05
CA GLY A 42 11.47 -20.50 12.99
C GLY A 42 10.64 -21.73 13.43
N GLY A 43 11.28 -22.78 13.93
CA GLY A 43 10.51 -23.96 14.27
C GLY A 43 10.95 -25.02 13.27
N LYS A 44 10.52 -26.26 13.50
CA LYS A 44 10.92 -27.42 12.67
C LYS A 44 10.37 -27.45 11.26
N ARG A 45 9.27 -26.73 11.05
CA ARG A 45 8.56 -26.70 9.76
C ARG A 45 8.25 -28.10 9.27
N VAL A 46 7.74 -28.93 10.17
CA VAL A 46 7.41 -30.32 9.76
C VAL A 46 6.31 -30.36 8.68
N ARG A 47 5.31 -29.49 8.79
CA ARG A 47 4.20 -29.56 7.79
C ARG A 47 4.74 -29.21 6.40
N PRO A 48 5.54 -28.13 6.30
CA PRO A 48 6.06 -27.80 4.98
C PRO A 48 6.92 -28.97 4.48
N MET A 49 7.73 -29.55 5.38
CA MET A 49 8.58 -30.67 4.97
C MET A 49 7.75 -31.81 4.44
N LEU A 50 6.69 -32.16 5.17
CA LEU A 50 5.83 -33.24 4.69
C LEU A 50 5.29 -33.01 3.28
N CYS A 51 4.88 -31.78 3.01
CA CYS A 51 4.31 -31.40 1.71
C CYS A 51 5.39 -31.53 0.63
N ILE A 52 6.56 -30.96 0.91
CA ILE A 52 7.62 -31.05 -0.11
C ILE A 52 8.09 -32.50 -0.30
N ALA A 53 8.28 -33.23 0.79
CA ALA A 53 8.76 -34.61 0.70
C ALA A 53 7.72 -35.48 -0.04
N ALA A 54 6.41 -35.24 0.19
CA ALA A 54 5.37 -36.01 -0.48
C ALA A 54 5.37 -35.70 -1.98
N CYS A 55 5.62 -34.45 -2.35
CA CYS A 55 5.67 -34.08 -3.77
C CYS A 55 6.87 -34.76 -4.44
N GLU A 56 8.02 -34.64 -3.80
CA GLU A 56 9.22 -35.26 -4.36
C GLU A 56 9.08 -36.78 -4.39
N LEU A 57 8.38 -37.32 -3.40
CA LEU A 57 8.22 -38.78 -3.35
C LEU A 57 7.59 -39.36 -4.61
N VAL A 58 6.62 -38.67 -5.17
CA VAL A 58 5.93 -39.20 -6.33
C VAL A 58 6.47 -38.67 -7.63
N GLY A 59 7.63 -38.02 -7.56
CA GLY A 59 8.28 -37.51 -8.77
C GLY A 59 8.16 -36.03 -9.06
N GLY A 60 7.58 -35.27 -8.13
CA GLY A 60 7.42 -33.84 -8.39
C GLY A 60 8.58 -33.03 -7.90
N ASP A 61 8.53 -31.72 -8.02
CA ASP A 61 9.68 -31.01 -7.47
C ASP A 61 9.30 -29.99 -6.42
N GLU A 62 10.28 -29.62 -5.61
CA GLU A 62 10.05 -28.69 -4.53
C GLU A 62 9.39 -27.38 -4.93
N SER A 63 9.84 -26.78 -6.03
CA SER A 63 9.31 -25.52 -6.48
C SER A 63 7.78 -25.55 -6.68
N THR A 64 7.28 -26.62 -7.28
CA THR A 64 5.83 -26.76 -7.47
C THR A 64 5.09 -26.82 -6.13
N ALA A 65 5.70 -27.45 -5.13
CA ALA A 65 5.01 -27.62 -3.83
C ALA A 65 5.20 -26.49 -2.84
N MET A 66 6.12 -25.59 -3.13
CA MET A 66 6.47 -24.58 -2.15
C MET A 66 5.32 -23.68 -1.73
N PRO A 67 4.52 -23.15 -2.67
CA PRO A 67 3.43 -22.32 -2.12
C PRO A 67 2.52 -23.12 -1.16
N ALA A 68 2.18 -24.37 -1.51
CA ALA A 68 1.31 -25.20 -0.65
C ALA A 68 2.06 -25.52 0.67
N ALA A 69 3.38 -25.73 0.62
CA ALA A 69 4.13 -25.99 1.84
C ALA A 69 4.05 -24.76 2.73
N CYS A 70 4.19 -23.55 2.15
CA CYS A 70 4.07 -22.32 2.97
C CYS A 70 2.63 -22.21 3.54
N ALA A 71 1.64 -22.47 2.70
CA ALA A 71 0.23 -22.45 3.09
C ALA A 71 -0.07 -23.30 4.33
N VAL A 72 0.37 -24.54 4.35
CA VAL A 72 0.08 -25.33 5.57
C VAL A 72 0.77 -24.74 6.82
N GLU A 73 1.95 -24.09 6.66
CA GLU A 73 2.63 -23.50 7.84
C GLU A 73 1.84 -22.23 8.27
N MET A 74 1.28 -21.50 7.30
CA MET A 74 0.42 -20.34 7.57
C MET A 74 -0.79 -20.79 8.43
N ILE A 75 -1.43 -21.90 8.04
CA ILE A 75 -2.57 -22.42 8.83
C ILE A 75 -2.08 -22.83 10.19
N HIS A 76 -1.01 -23.61 10.22
CA HIS A 76 -0.50 -24.04 11.50
C HIS A 76 -0.22 -22.85 12.42
N THR A 77 0.47 -21.82 11.88
CA THR A 77 0.81 -20.63 12.65
C THR A 77 -0.44 -19.95 13.18
N MET A 78 -1.45 -19.69 12.32
CA MET A 78 -2.62 -18.99 12.85
C MET A 78 -3.44 -19.84 13.83
N SER A 79 -3.39 -21.17 13.69
CA SER A 79 -4.12 -22.00 14.64
C SER A 79 -3.51 -21.80 16.05
N LEU A 80 -2.20 -21.59 16.11
CA LEU A 80 -1.48 -21.36 17.38
C LEU A 80 -1.73 -19.91 17.91
N MET A 81 -1.77 -18.96 16.97
CA MET A 81 -2.02 -17.57 17.37
C MET A 81 -3.42 -17.51 18.00
N HIS A 82 -4.40 -18.14 17.37
CA HIS A 82 -5.76 -18.21 17.92
C HIS A 82 -5.82 -19.10 19.23
N ASP A 83 -5.05 -20.19 19.27
CA ASP A 83 -5.05 -21.07 20.45
C ASP A 83 -4.48 -20.41 21.74
N ASP A 84 -3.55 -19.48 21.56
CA ASP A 84 -2.91 -18.77 22.67
C ASP A 84 -3.82 -17.71 23.34
N LEU A 85 -4.85 -17.22 22.62
CA LEU A 85 -5.72 -16.17 23.11
C LEU A 85 -6.37 -16.45 24.48
N PRO A 86 -6.71 -15.39 25.23
CA PRO A 86 -7.35 -15.57 26.54
C PRO A 86 -8.61 -16.44 26.52
N CYS A 87 -9.49 -16.28 25.54
CA CYS A 87 -10.67 -17.15 25.54
C CYS A 87 -10.35 -18.61 25.24
N MET A 88 -9.09 -18.89 24.88
CA MET A 88 -8.69 -20.25 24.56
C MET A 88 -7.71 -20.70 25.62
N ASP A 89 -6.47 -20.96 25.24
CA ASP A 89 -5.47 -21.43 26.23
C ASP A 89 -4.93 -20.35 27.12
N ASN A 90 -5.09 -19.09 26.71
CA ASN A 90 -4.66 -17.95 27.53
C ASN A 90 -3.21 -18.01 27.97
N ASP A 91 -2.30 -18.07 26.99
CA ASP A 91 -0.86 -18.13 27.25
C ASP A 91 -0.20 -16.76 26.99
N ASP A 92 0.68 -16.32 27.91
CA ASP A 92 1.39 -15.06 27.76
C ASP A 92 2.71 -15.25 27.03
N LEU A 93 3.21 -16.48 27.02
CA LEU A 93 4.47 -16.79 26.36
C LEU A 93 4.37 -17.97 25.40
N ARG A 94 5.19 -17.94 24.36
CA ARG A 94 5.30 -19.05 23.41
C ARG A 94 6.77 -19.04 23.08
N ARG A 95 7.46 -20.11 23.41
CA ARG A 95 8.91 -20.15 23.11
C ARG A 95 9.73 -19.00 23.67
N GLY A 96 9.52 -18.64 24.93
CA GLY A 96 10.30 -17.55 25.52
C GLY A 96 10.00 -16.11 25.10
N LYS A 97 9.03 -15.90 24.21
CA LYS A 97 8.67 -14.54 23.81
C LYS A 97 7.17 -14.29 24.07
N PRO A 98 6.79 -13.02 24.20
CA PRO A 98 5.36 -12.77 24.44
C PRO A 98 4.51 -13.41 23.33
N THR A 99 3.31 -13.89 23.65
CA THR A 99 2.46 -14.47 22.60
C THR A 99 1.97 -13.29 21.72
N ASN A 100 1.39 -13.62 20.57
CA ASN A 100 0.98 -12.60 19.64
C ASN A 100 0.02 -11.57 20.20
N HIS A 101 -1.06 -11.99 20.86
CA HIS A 101 -1.99 -10.99 21.41
C HIS A 101 -1.35 -10.17 22.57
N MET A 102 -0.27 -10.67 23.21
CA MET A 102 0.36 -9.87 24.29
C MET A 102 1.19 -8.76 23.68
N ALA A 103 1.74 -9.04 22.50
CA ALA A 103 2.53 -8.04 21.81
C ALA A 103 1.65 -7.02 21.04
N PHE A 104 0.57 -7.48 20.38
CA PHE A 104 -0.22 -6.58 19.49
C PHE A 104 -1.64 -6.28 19.89
N GLY A 105 -2.11 -6.93 20.94
CA GLY A 105 -3.51 -6.79 21.29
C GLY A 105 -4.27 -7.98 20.76
N GLU A 106 -5.35 -8.35 21.43
CA GLU A 106 -6.16 -9.48 20.98
C GLU A 106 -6.84 -9.22 19.61
N SER A 107 -7.27 -7.96 19.39
CA SER A 107 -7.93 -7.67 18.14
C SER A 107 -7.02 -7.93 16.93
N VAL A 108 -5.81 -7.41 16.96
CA VAL A 108 -4.91 -7.63 15.83
C VAL A 108 -4.53 -9.13 15.70
N ALA A 109 -4.32 -9.82 16.84
CA ALA A 109 -3.95 -11.21 16.79
C ALA A 109 -5.06 -12.02 16.09
N VAL A 110 -6.31 -11.69 16.40
CA VAL A 110 -7.42 -12.39 15.77
C VAL A 110 -7.39 -12.12 14.24
N LEU A 111 -7.33 -10.85 13.84
CA LEU A 111 -7.30 -10.49 12.43
C LEU A 111 -6.11 -10.97 11.66
N ALA A 112 -4.93 -10.89 12.27
CA ALA A 112 -3.71 -11.35 11.63
C ALA A 112 -3.84 -12.89 11.39
N GLY A 113 -4.43 -13.62 12.36
CA GLY A 113 -4.63 -15.07 12.22
C GLY A 113 -5.57 -15.31 11.03
N ASP A 114 -6.68 -14.58 11.03
CA ASP A 114 -7.63 -14.65 9.90
C ASP A 114 -6.96 -14.33 8.57
N ALA A 115 -6.03 -13.35 8.58
CA ALA A 115 -5.31 -13.00 7.34
C ALA A 115 -4.43 -14.17 6.85
N LEU A 116 -3.73 -14.83 7.78
CA LEU A 116 -2.88 -16.00 7.40
C LEU A 116 -3.75 -17.11 6.81
N LEU A 117 -4.91 -17.32 7.40
CA LEU A 117 -5.85 -18.36 6.92
C LEU A 117 -6.32 -18.04 5.47
N SER A 118 -6.74 -16.81 5.23
CA SER A 118 -7.17 -16.45 3.88
C SER A 118 -6.01 -16.44 2.89
N PHE A 119 -4.87 -15.87 3.32
CA PHE A 119 -3.72 -15.80 2.43
C PHE A 119 -3.20 -17.17 2.10
N ALA A 120 -3.33 -18.14 3.00
CA ALA A 120 -2.88 -19.52 2.65
C ALA A 120 -3.61 -19.99 1.35
N PHE A 121 -4.91 -19.73 1.23
CA PHE A 121 -5.63 -20.17 0.02
C PHE A 121 -5.22 -19.29 -1.19
N GLU A 122 -5.11 -17.99 -0.95
CA GLU A 122 -4.69 -17.08 -2.02
C GLU A 122 -3.35 -17.49 -2.56
N HIS A 123 -2.40 -17.75 -1.65
CA HIS A 123 -1.04 -18.07 -2.09
C HIS A 123 -0.98 -19.36 -2.91
N VAL A 124 -1.61 -20.41 -2.40
CA VAL A 124 -1.61 -21.65 -3.16
C VAL A 124 -2.29 -21.47 -4.50
N ALA A 125 -3.43 -20.78 -4.47
CA ALA A 125 -4.20 -20.55 -5.69
C ALA A 125 -3.47 -19.75 -6.76
N ALA A 126 -2.85 -18.65 -6.33
CA ALA A 126 -2.21 -17.73 -7.29
C ALA A 126 -0.74 -17.98 -7.62
N ALA A 127 0.01 -18.55 -6.67
CA ALA A 127 1.44 -18.72 -6.91
C ALA A 127 1.88 -20.05 -7.40
N THR A 128 1.03 -21.09 -7.32
CA THR A 128 1.48 -22.43 -7.73
C THR A 128 1.68 -22.49 -9.23
N LYS A 129 2.85 -22.94 -9.67
CA LYS A 129 3.14 -23.08 -11.13
C LYS A 129 3.52 -24.56 -11.32
N GLY A 130 3.34 -25.12 -12.52
CA GLY A 130 3.77 -26.50 -12.68
C GLY A 130 2.64 -27.47 -12.44
N ALA A 131 1.40 -26.95 -12.44
CA ALA A 131 0.24 -27.79 -12.22
C ALA A 131 -1.01 -27.27 -12.91
N PRO A 132 -1.81 -28.16 -13.48
CA PRO A 132 -3.04 -27.72 -14.16
C PRO A 132 -4.01 -27.13 -13.10
N PRO A 133 -4.88 -26.18 -13.54
CA PRO A 133 -5.88 -25.54 -12.67
C PRO A 133 -6.75 -26.57 -11.97
N GLU A 134 -7.18 -27.64 -12.66
CA GLU A 134 -8.05 -28.59 -11.94
C GLU A 134 -7.34 -29.24 -10.75
N ARG A 135 -6.04 -29.41 -10.88
CA ARG A 135 -5.25 -29.96 -9.83
C ARG A 135 -5.08 -28.94 -8.70
N ILE A 136 -4.82 -27.66 -9.06
CA ILE A 136 -4.69 -26.64 -8.03
C ILE A 136 -6.01 -26.53 -7.26
N VAL A 137 -7.15 -26.49 -7.94
CA VAL A 137 -8.43 -26.39 -7.22
C VAL A 137 -8.64 -27.64 -6.36
N ARG A 138 -8.23 -28.80 -6.84
CA ARG A 138 -8.41 -29.99 -6.00
C ARG A 138 -7.60 -29.90 -4.69
N VAL A 139 -6.36 -29.40 -4.76
CA VAL A 139 -5.59 -29.28 -3.51
C VAL A 139 -6.19 -28.15 -2.65
N LEU A 140 -6.78 -27.13 -3.25
CA LEU A 140 -7.43 -26.11 -2.41
C LEU A 140 -8.60 -26.72 -1.61
N GLY A 141 -9.35 -27.63 -2.24
CA GLY A 141 -10.44 -28.26 -1.51
C GLY A 141 -9.91 -29.21 -0.42
N GLU A 142 -8.80 -29.91 -0.70
CA GLU A 142 -8.19 -30.81 0.30
C GLU A 142 -7.67 -29.98 1.48
N LEU A 143 -7.08 -28.82 1.21
CA LEU A 143 -6.59 -27.96 2.30
C LEU A 143 -7.78 -27.55 3.18
N ALA A 144 -8.86 -27.11 2.53
CA ALA A 144 -10.03 -26.67 3.25
C ALA A 144 -10.61 -27.79 4.13
N VAL A 145 -10.72 -28.99 3.59
CA VAL A 145 -11.29 -30.08 4.37
C VAL A 145 -10.37 -30.48 5.55
N SER A 146 -9.07 -30.30 5.40
CA SER A 146 -8.12 -30.69 6.42
C SER A 146 -8.12 -29.70 7.61
N ILE A 147 -8.69 -28.52 7.39
CA ILE A 147 -8.62 -27.54 8.47
C ILE A 147 -9.95 -27.08 9.03
N GLY A 148 -11.05 -27.48 8.42
CA GLY A 148 -12.34 -27.03 8.88
C GLY A 148 -13.09 -27.92 9.85
N SER A 149 -14.41 -27.90 9.69
CA SER A 149 -15.33 -28.68 10.55
C SER A 149 -15.15 -30.17 10.54
N GLU A 150 -14.39 -30.70 9.58
CA GLU A 150 -14.12 -32.13 9.60
C GLU A 150 -12.58 -32.32 9.74
N GLY A 151 -11.92 -31.31 10.31
CA GLY A 151 -10.48 -31.34 10.38
C GLY A 151 -9.99 -30.54 11.57
N LEU A 152 -8.95 -29.72 11.42
CA LEU A 152 -8.37 -29.00 12.56
C LEU A 152 -9.38 -28.35 13.49
N VAL A 153 -10.25 -27.51 12.94
CA VAL A 153 -11.24 -26.83 13.79
C VAL A 153 -12.16 -27.80 14.56
N ALA A 154 -12.58 -28.90 13.97
CA ALA A 154 -13.43 -29.80 14.73
C ALA A 154 -12.67 -30.33 15.96
N GLY A 155 -11.37 -30.61 15.75
CA GLY A 155 -10.54 -31.13 16.83
C GLY A 155 -10.44 -30.12 17.95
N GLN A 156 -10.25 -28.84 17.58
CA GLN A 156 -10.16 -27.78 18.58
C GLN A 156 -11.50 -27.56 19.30
N VAL A 157 -12.60 -27.60 18.55
CA VAL A 157 -13.89 -27.37 19.17
C VAL A 157 -14.25 -28.50 20.11
N VAL A 158 -14.13 -29.73 19.64
CA VAL A 158 -14.46 -30.88 20.49
C VAL A 158 -13.58 -30.89 21.72
N ASP A 159 -12.33 -30.45 21.60
CA ASP A 159 -11.41 -30.40 22.74
C ASP A 159 -11.83 -29.34 23.76
N VAL A 160 -12.23 -28.14 23.34
CA VAL A 160 -12.57 -27.12 24.33
C VAL A 160 -13.95 -27.35 24.97
N CYS A 161 -14.83 -28.03 24.25
CA CYS A 161 -16.16 -28.35 24.79
C CYS A 161 -16.09 -29.65 25.61
N SER A 162 -14.91 -30.27 25.70
CA SER A 162 -14.72 -31.52 26.46
C SER A 162 -13.91 -31.36 27.74
N GLU A 163 -13.19 -30.25 27.83
CA GLU A 163 -12.37 -29.93 28.99
C GLU A 163 -13.21 -29.79 30.25
N GLY A 164 -14.50 -30.15 30.14
CA GLY A 164 -15.41 -30.05 31.28
C GLY A 164 -15.82 -31.38 31.89
N MET A 165 -15.50 -32.48 31.22
CA MET A 165 -15.87 -33.78 31.77
C MET A 165 -14.67 -34.68 32.05
N ALA A 166 -14.97 -35.93 32.38
CA ALA A 166 -13.94 -36.92 32.70
C ALA A 166 -14.21 -38.22 31.93
N GLU A 167 -15.49 -38.51 31.70
CA GLU A 167 -15.90 -39.72 30.99
C GLU A 167 -15.38 -39.83 29.56
N VAL A 168 -14.24 -39.18 29.32
CA VAL A 168 -13.60 -39.16 28.00
C VAL A 168 -12.93 -40.51 27.72
N GLY A 169 -13.49 -41.28 26.79
CA GLY A 169 -12.89 -42.55 26.47
C GLY A 169 -11.88 -42.50 25.35
N LEU A 170 -11.30 -43.65 25.01
CA LEU A 170 -10.29 -43.69 23.96
C LEU A 170 -10.79 -43.11 22.63
N ASP A 171 -12.00 -43.49 22.23
CA ASP A 171 -12.57 -43.04 20.96
C ASP A 171 -12.57 -41.54 20.90
N HIS A 172 -12.99 -40.91 21.99
CA HIS A 172 -13.06 -39.47 22.04
C HIS A 172 -11.64 -38.82 21.99
N LEU A 173 -10.71 -39.40 22.75
CA LEU A 173 -9.34 -38.88 22.75
C LEU A 173 -8.80 -39.00 21.34
N GLU A 174 -9.01 -40.14 20.70
CA GLU A 174 -8.50 -40.29 19.33
C GLU A 174 -9.15 -39.30 18.36
N PHE A 175 -10.45 -39.06 18.52
CA PHE A 175 -11.10 -38.07 17.66
C PHE A 175 -10.39 -36.71 17.79
N ILE A 176 -10.12 -36.27 19.03
CA ILE A 176 -9.43 -34.99 19.17
C ILE A 176 -8.02 -34.99 18.53
N HIS A 177 -7.23 -36.03 18.77
CA HIS A 177 -5.85 -36.03 18.24
C HIS A 177 -5.86 -36.19 16.71
N HIS A 178 -6.75 -37.01 16.21
CA HIS A 178 -6.79 -37.12 14.76
C HIS A 178 -7.12 -35.77 14.11
N HIS A 179 -8.10 -35.00 14.63
CA HIS A 179 -8.50 -33.75 14.00
C HIS A 179 -7.57 -32.57 14.27
N LYS A 180 -7.13 -32.47 15.51
CA LYS A 180 -6.24 -31.41 15.96
C LYS A 180 -4.80 -31.49 15.47
N THR A 181 -4.31 -32.72 15.19
CA THR A 181 -2.94 -32.87 14.74
C THR A 181 -2.86 -33.61 13.40
N ALA A 182 -3.45 -34.79 13.29
CA ALA A 182 -3.29 -35.57 12.04
C ALA A 182 -3.92 -34.94 10.79
N ALA A 183 -5.08 -34.32 10.96
CA ALA A 183 -5.78 -33.77 9.80
C ALA A 183 -4.91 -32.84 8.99
N LEU A 184 -4.24 -31.93 9.64
CA LEU A 184 -3.40 -31.01 8.85
C LEU A 184 -2.11 -31.69 8.34
N LEU A 185 -1.65 -32.76 9.00
CA LEU A 185 -0.44 -33.44 8.49
C LEU A 185 -0.90 -34.18 7.23
N GLN A 186 -2.13 -34.71 7.24
CA GLN A 186 -2.67 -35.41 6.08
C GLN A 186 -2.84 -34.36 4.96
N GLY A 187 -3.40 -33.19 5.28
CA GLY A 187 -3.53 -32.16 4.25
C GLY A 187 -2.16 -31.84 3.62
N SER A 188 -1.13 -31.75 4.45
CA SER A 188 0.21 -31.43 3.96
C SER A 188 0.69 -32.51 2.96
N VAL A 189 0.65 -33.80 3.33
CA VAL A 189 1.13 -34.79 2.33
C VAL A 189 0.22 -34.90 1.12
N VAL A 190 -1.09 -34.73 1.32
CA VAL A 190 -2.00 -34.87 0.15
C VAL A 190 -1.75 -33.69 -0.85
N LEU A 191 -1.62 -32.48 -0.34
CA LEU A 191 -1.31 -31.35 -1.22
C LEU A 191 -0.05 -31.67 -2.02
N GLY A 192 1.01 -32.05 -1.31
CA GLY A 192 2.24 -32.32 -2.03
C GLY A 192 2.12 -33.48 -3.03
N ALA A 193 1.52 -34.58 -2.60
CA ALA A 193 1.43 -35.72 -3.52
C ALA A 193 0.56 -35.41 -4.74
N ILE A 194 -0.53 -34.68 -4.57
CA ILE A 194 -1.35 -34.31 -5.75
C ILE A 194 -0.55 -33.41 -6.69
N LEU A 195 0.09 -32.37 -6.15
CA LEU A 195 0.88 -31.45 -7.01
C LEU A 195 2.04 -32.19 -7.67
N GLY A 196 2.56 -33.25 -7.03
CA GLY A 196 3.67 -33.97 -7.62
C GLY A 196 3.23 -34.90 -8.76
N GLY A 197 1.93 -35.00 -9.01
CA GLY A 197 1.43 -35.89 -10.06
C GLY A 197 1.17 -37.29 -9.54
N GLY A 198 0.92 -37.43 -8.24
CA GLY A 198 0.71 -38.76 -7.68
C GLY A 198 -0.58 -39.46 -8.11
N LYS A 199 -0.57 -40.80 -8.18
CA LYS A 199 -1.80 -41.57 -8.54
C LYS A 199 -2.67 -41.54 -7.28
N GLU A 200 -3.96 -41.84 -7.44
CA GLU A 200 -4.88 -41.86 -6.32
C GLU A 200 -4.45 -42.90 -5.31
N GLU A 201 -3.85 -43.98 -5.79
CA GLU A 201 -3.39 -45.05 -4.94
C GLU A 201 -2.21 -44.57 -4.06
N GLU A 202 -1.31 -43.73 -4.61
CA GLU A 202 -0.18 -43.20 -3.81
C GLU A 202 -0.70 -42.15 -2.83
N VAL A 203 -1.62 -41.31 -3.28
CA VAL A 203 -2.24 -40.29 -2.39
C VAL A 203 -2.89 -41.02 -1.22
N ALA A 204 -3.63 -42.11 -1.49
CA ALA A 204 -4.26 -42.86 -0.40
C ALA A 204 -3.24 -43.41 0.63
N LYS A 205 -2.11 -43.94 0.17
CA LYS A 205 -1.11 -44.42 1.13
C LYS A 205 -0.53 -43.27 1.98
N LEU A 206 -0.31 -42.13 1.35
CA LEU A 206 0.26 -41.01 2.09
C LEU A 206 -0.73 -40.51 3.13
N ARG A 207 -2.05 -40.54 2.84
CA ARG A 207 -3.02 -40.10 3.86
C ARG A 207 -2.90 -41.00 5.06
N LYS A 208 -2.77 -42.31 4.79
CA LYS A 208 -2.65 -43.29 5.87
C LYS A 208 -1.39 -43.07 6.65
N PHE A 209 -0.28 -42.84 5.95
CA PHE A 209 1.02 -42.53 6.58
C PHE A 209 0.82 -41.33 7.53
N ALA A 210 0.21 -40.25 7.02
CA ALA A 210 0.03 -39.05 7.84
C ALA A 210 -0.88 -39.28 9.03
N ASN A 211 -1.99 -40.00 8.83
CA ASN A 211 -2.93 -40.30 9.92
C ASN A 211 -2.19 -41.06 11.03
N CYS A 212 -1.32 -42.00 10.66
CA CYS A 212 -0.57 -42.76 11.68
C CYS A 212 0.48 -41.93 12.43
N ILE A 213 1.24 -41.11 11.71
CA ILE A 213 2.32 -40.41 12.40
C ILE A 213 1.69 -39.27 13.21
N GLY A 214 0.49 -38.86 12.83
CA GLY A 214 -0.18 -37.79 13.58
C GLY A 214 -0.63 -38.34 14.93
N LEU A 215 -1.26 -39.50 14.92
CA LEU A 215 -1.68 -40.10 16.20
C LEU A 215 -0.38 -40.51 16.96
N LEU A 216 0.62 -41.03 16.25
CA LEU A 216 1.86 -41.46 16.90
C LEU A 216 2.45 -40.31 17.71
N PHE A 217 2.38 -39.12 17.14
CA PHE A 217 2.97 -37.99 17.84
C PHE A 217 2.34 -37.76 19.22
N GLN A 218 1.03 -37.81 19.29
CA GLN A 218 0.32 -37.58 20.56
C GLN A 218 0.47 -38.77 21.56
N VAL A 219 0.50 -39.98 21.04
CA VAL A 219 0.67 -41.12 21.91
C VAL A 219 2.08 -41.01 22.52
N VAL A 220 3.11 -40.83 21.67
CA VAL A 220 4.48 -40.70 22.20
C VAL A 220 4.63 -39.56 23.23
N ASP A 221 3.93 -38.46 23.01
CA ASP A 221 4.06 -37.33 23.94
C ASP A 221 3.50 -37.69 25.31
N ASP A 222 2.38 -38.40 25.33
CA ASP A 222 1.77 -38.83 26.59
C ASP A 222 2.70 -39.79 27.31
N ILE A 223 3.38 -40.65 26.54
CA ILE A 223 4.30 -41.62 27.14
C ILE A 223 5.45 -40.86 27.82
N LEU A 224 6.08 -39.97 27.07
CA LEU A 224 7.17 -39.15 27.60
C LEU A 224 6.73 -38.35 28.82
N ASP A 225 5.51 -37.80 28.84
CA ASP A 225 5.05 -37.05 30.01
C ASP A 225 5.07 -37.93 31.25
N VAL A 226 4.85 -39.24 31.08
CA VAL A 226 4.85 -40.17 32.21
C VAL A 226 6.28 -40.49 32.62
N THR A 227 7.05 -41.06 31.69
CA THR A 227 8.44 -41.42 31.93
C THR A 227 9.17 -40.33 32.71
N LYS A 228 9.55 -39.28 31.99
CA LYS A 228 10.29 -38.15 32.55
C LYS A 228 9.40 -36.97 32.94
N LYS A 245 -8.31 -34.27 31.96
CA LYS A 245 -6.94 -34.83 31.71
C LYS A 245 -7.01 -36.34 31.43
N THR A 246 -7.30 -36.69 30.18
CA THR A 246 -7.34 -38.08 29.76
C THR A 246 -6.05 -38.22 28.96
N THR A 247 -5.34 -39.33 29.12
CA THR A 247 -4.08 -39.51 28.36
C THR A 247 -4.07 -40.97 27.94
N TYR A 248 -3.22 -41.35 26.98
CA TYR A 248 -3.23 -42.76 26.64
C TYR A 248 -2.89 -43.65 27.86
N PRO A 249 -1.87 -43.27 28.65
CA PRO A 249 -1.52 -44.13 29.82
C PRO A 249 -2.67 -44.28 30.83
N LYS A 250 -3.44 -43.22 31.04
CA LYS A 250 -4.56 -43.33 31.99
C LYS A 250 -5.64 -44.23 31.44
N LEU A 251 -5.68 -44.37 30.10
CA LEU A 251 -6.69 -45.21 29.49
C LEU A 251 -6.30 -46.66 29.20
N ILE A 252 -5.06 -46.89 28.76
CA ILE A 252 -4.63 -48.25 28.46
C ILE A 252 -3.29 -48.59 29.08
N GLY A 253 -2.71 -47.64 29.84
CA GLY A 253 -1.42 -47.91 30.47
C GLY A 253 -0.23 -47.61 29.60
N VAL A 254 0.89 -47.34 30.26
CA VAL A 254 2.10 -47.05 29.47
C VAL A 254 2.51 -48.19 28.53
N GLU A 255 2.42 -49.42 28.99
CA GLU A 255 2.82 -50.59 28.17
C GLU A 255 2.05 -50.66 26.85
N LYS A 256 0.72 -50.61 26.97
CA LYS A 256 -0.08 -50.73 25.78
C LYS A 256 0.08 -49.45 24.96
N SER A 257 0.36 -48.32 25.59
CA SER A 257 0.57 -47.11 24.79
C SER A 257 1.83 -47.30 23.91
N LYS A 258 2.86 -47.91 24.48
CA LYS A 258 4.06 -48.08 23.74
C LYS A 258 3.82 -49.06 22.62
N GLU A 259 3.08 -50.13 22.91
CA GLU A 259 2.78 -51.11 21.88
C GLU A 259 2.01 -50.43 20.72
N PHE A 260 1.04 -49.61 21.08
CA PHE A 260 0.23 -48.87 20.12
C PHE A 260 1.15 -47.95 19.26
N ALA A 261 2.03 -47.20 19.91
CA ALA A 261 2.97 -46.32 19.19
C ALA A 261 3.75 -47.17 18.20
N ASP A 262 4.23 -48.33 18.66
CA ASP A 262 5.01 -49.20 17.79
C ASP A 262 4.23 -49.64 16.57
N ARG A 263 2.96 -49.99 16.75
CA ARG A 263 2.16 -50.44 15.63
C ARG A 263 1.87 -49.29 14.67
N LEU A 264 1.63 -48.09 15.23
CA LEU A 264 1.37 -46.91 14.38
C LEU A 264 2.62 -46.62 13.51
N ASN A 265 3.81 -46.66 14.12
CA ASN A 265 5.06 -46.38 13.37
C ASN A 265 5.23 -47.46 12.27
N ARG A 266 5.01 -48.72 12.65
CA ARG A 266 5.15 -49.83 11.68
C ARG A 266 4.16 -49.68 10.52
N GLU A 267 2.94 -49.32 10.86
CA GLU A 267 1.90 -49.15 9.83
C GLU A 267 2.22 -47.96 8.91
N ALA A 268 2.72 -46.85 9.49
CA ALA A 268 3.11 -45.68 8.66
C ALA A 268 4.17 -46.09 7.61
N GLN A 269 5.22 -46.74 8.11
CA GLN A 269 6.31 -47.18 7.26
C GLN A 269 5.87 -48.17 6.18
N GLU A 270 4.93 -49.05 6.52
CA GLU A 270 4.36 -50.04 5.61
C GLU A 270 3.72 -49.31 4.39
N GLN A 271 3.18 -48.12 4.61
CA GLN A 271 2.57 -47.39 3.49
C GLN A 271 3.56 -46.94 2.43
N LEU A 272 4.84 -46.84 2.80
CA LEU A 272 5.83 -46.32 1.88
C LEU A 272 6.65 -47.37 1.16
N LEU A 273 6.35 -48.65 1.41
CA LEU A 273 7.08 -49.78 0.79
C LEU A 273 7.25 -49.80 -0.71
N HIS A 274 6.25 -49.41 -1.47
CA HIS A 274 6.43 -49.44 -2.93
C HIS A 274 6.93 -48.16 -3.61
N PHE A 275 7.37 -47.16 -2.85
CA PHE A 275 7.88 -45.95 -3.50
C PHE A 275 9.41 -46.13 -3.68
N HIS A 276 10.07 -45.19 -4.38
CA HIS A 276 11.52 -45.27 -4.51
C HIS A 276 12.08 -45.16 -3.04
N PRO A 277 12.92 -46.12 -2.63
CA PRO A 277 13.50 -46.12 -1.27
C PRO A 277 14.26 -44.86 -0.93
N HIS A 278 14.96 -44.26 -1.87
CA HIS A 278 15.69 -43.07 -1.52
C HIS A 278 14.74 -41.90 -1.28
N ARG A 279 13.64 -41.90 -2.04
CA ARG A 279 12.64 -40.85 -1.94
C ARG A 279 11.82 -41.04 -0.69
N ALA A 280 11.53 -42.29 -0.38
CA ALA A 280 10.77 -42.64 0.86
C ALA A 280 11.60 -42.47 2.16
N ALA A 281 12.93 -42.56 2.03
CA ALA A 281 13.81 -42.52 3.20
C ALA A 281 13.55 -41.37 4.25
N PRO A 282 13.38 -40.12 3.81
CA PRO A 282 13.15 -39.04 4.80
C PRO A 282 11.84 -39.20 5.56
N LEU A 283 10.80 -39.73 4.91
CA LEU A 283 9.50 -39.90 5.60
C LEU A 283 9.63 -41.07 6.58
N ILE A 284 10.37 -42.10 6.17
CA ILE A 284 10.59 -43.21 7.10
C ILE A 284 11.38 -42.66 8.30
N ALA A 285 12.39 -41.82 8.02
CA ALA A 285 13.22 -41.31 9.15
C ALA A 285 12.37 -40.39 10.02
N LEU A 286 11.46 -39.66 9.41
CA LEU A 286 10.59 -38.77 10.21
C LEU A 286 9.70 -39.60 11.19
N ALA A 287 9.14 -40.70 10.70
CA ALA A 287 8.26 -41.57 11.46
C ALA A 287 9.05 -42.15 12.66
N ASN A 288 10.27 -42.63 12.39
CA ASN A 288 11.13 -43.16 13.45
C ASN A 288 11.49 -42.07 14.49
N TYR A 289 11.79 -40.87 14.01
CA TYR A 289 12.15 -39.78 14.90
C TYR A 289 10.97 -39.48 15.84
N ILE A 290 9.77 -39.46 15.28
CA ILE A 290 8.55 -39.15 16.03
C ILE A 290 8.34 -40.23 17.05
N ALA A 291 8.58 -41.49 16.65
CA ALA A 291 8.43 -42.65 17.54
C ALA A 291 9.47 -42.68 18.69
N TYR A 292 10.73 -42.39 18.37
CA TYR A 292 11.80 -42.48 19.35
C TYR A 292 12.42 -41.25 19.98
N ARG A 293 11.82 -40.08 19.85
CA ARG A 293 12.40 -38.88 20.45
C ARG A 293 12.43 -38.94 21.98
N ASP A 294 13.37 -38.18 22.58
CA ASP A 294 13.53 -38.14 24.04
C ASP A 294 12.66 -37.00 24.58
N ASN A 295 12.25 -36.10 23.70
CA ASN A 295 11.35 -34.98 24.02
C ASN A 295 10.40 -34.66 22.81
N MET B 1 -37.13 -2.64 -8.17
CA MET B 1 -37.79 -3.96 -7.88
C MET B 1 -37.41 -4.55 -6.52
N GLN B 2 -38.16 -5.58 -6.09
CA GLN B 2 -37.93 -6.26 -4.81
C GLN B 2 -38.08 -7.80 -4.87
N PRO B 3 -39.09 -8.32 -5.59
CA PRO B 3 -39.11 -9.78 -5.57
C PRO B 3 -37.91 -10.50 -6.20
N TYR B 4 -37.34 -9.97 -7.29
CA TYR B 4 -36.18 -10.61 -7.90
C TYR B 4 -35.07 -10.73 -6.86
N TRP B 5 -34.76 -9.61 -6.22
CA TRP B 5 -33.72 -9.55 -5.22
C TRP B 5 -34.02 -10.45 -4.04
N ALA B 6 -35.28 -10.47 -3.62
CA ALA B 6 -35.61 -11.32 -2.48
C ALA B 6 -35.45 -12.79 -2.81
N ALA B 7 -35.75 -13.20 -4.05
CA ALA B 7 -35.64 -14.63 -4.40
C ALA B 7 -34.15 -15.07 -4.49
N ILE B 8 -33.29 -14.11 -4.83
CA ILE B 8 -31.85 -14.43 -4.90
C ILE B 8 -31.40 -14.71 -3.46
N GLU B 9 -31.83 -13.87 -2.53
CA GLU B 9 -31.40 -14.05 -1.15
C GLU B 9 -31.94 -15.39 -0.65
N ALA B 10 -33.20 -15.68 -0.93
CA ALA B 10 -33.75 -16.95 -0.48
C ALA B 10 -33.03 -18.14 -1.15
N ASP B 11 -32.61 -17.98 -2.40
CA ASP B 11 -31.95 -19.11 -3.10
C ASP B 11 -30.59 -19.39 -2.42
N ILE B 12 -29.89 -18.34 -2.02
CA ILE B 12 -28.60 -18.53 -1.35
C ILE B 12 -28.80 -19.23 -0.01
N GLU B 13 -29.77 -18.74 0.76
CA GLU B 13 -30.00 -19.36 2.07
C GLU B 13 -30.35 -20.82 1.95
N ARG B 14 -31.24 -21.14 1.02
CA ARG B 14 -31.62 -22.55 0.85
C ARG B 14 -30.40 -23.43 0.45
N TYR B 15 -29.48 -22.87 -0.33
CA TYR B 15 -28.31 -23.62 -0.76
C TYR B 15 -27.40 -23.79 0.47
N LEU B 16 -27.22 -22.73 1.26
CA LEU B 16 -26.39 -22.86 2.45
C LEU B 16 -26.98 -23.91 3.39
N LYS B 17 -28.31 -23.83 3.59
CA LYS B 17 -28.99 -24.76 4.49
C LYS B 17 -28.79 -26.17 4.06
N LYS B 18 -28.79 -26.37 2.74
CA LYS B 18 -28.56 -27.69 2.16
C LYS B 18 -27.09 -28.16 2.35
N SER B 19 -26.15 -27.23 2.30
CA SER B 19 -24.70 -27.52 2.45
C SER B 19 -24.22 -27.76 3.89
N ILE B 20 -24.91 -27.17 4.86
CA ILE B 20 -24.54 -27.29 6.27
C ILE B 20 -25.64 -28.06 7.05
N THR B 21 -25.41 -29.34 7.23
CA THR B 21 -26.34 -30.23 7.94
C THR B 21 -25.86 -30.45 9.36
N ILE B 22 -26.63 -29.99 10.35
CA ILE B 22 -26.25 -30.18 11.76
C ILE B 22 -26.21 -31.68 11.94
N ARG B 23 -25.11 -32.18 12.47
CA ARG B 23 -24.92 -33.62 12.61
C ARG B 23 -23.77 -33.80 13.61
N PRO B 24 -23.50 -35.05 14.04
CA PRO B 24 -22.39 -35.25 14.98
C PRO B 24 -21.00 -34.90 14.35
N PRO B 25 -20.13 -34.21 15.11
CA PRO B 25 -20.38 -33.75 16.49
C PRO B 25 -21.16 -32.46 16.47
N GLU B 26 -22.26 -32.44 17.20
CA GLU B 26 -23.11 -31.25 17.25
C GLU B 26 -22.41 -30.07 17.91
N THR B 27 -21.39 -30.32 18.74
CA THR B 27 -20.67 -29.20 19.35
C THR B 27 -19.97 -28.36 18.29
N VAL B 28 -19.68 -29.00 17.14
CA VAL B 28 -19.03 -28.32 16.00
C VAL B 28 -20.09 -27.79 15.01
N PHE B 29 -20.98 -28.67 14.59
CA PHE B 29 -21.94 -28.24 13.60
C PHE B 29 -23.10 -27.37 14.08
N GLY B 30 -23.40 -27.47 15.38
CA GLY B 30 -24.47 -26.65 15.99
C GLY B 30 -24.09 -25.20 15.81
N PRO B 31 -22.89 -24.80 16.28
CA PRO B 31 -22.49 -23.39 16.11
C PRO B 31 -22.17 -23.06 14.66
N MET B 32 -21.66 -24.03 13.91
CA MET B 32 -21.37 -23.72 12.52
C MET B 32 -22.63 -23.25 11.78
N HIS B 33 -23.72 -24.00 11.99
CA HIS B 33 -24.99 -23.70 11.36
C HIS B 33 -25.57 -22.39 11.95
N HIS B 34 -25.63 -22.32 13.28
CA HIS B 34 -26.17 -21.10 13.92
C HIS B 34 -25.52 -19.79 13.49
N LEU B 35 -24.20 -19.73 13.62
CA LEU B 35 -23.45 -18.51 13.28
C LEU B 35 -23.51 -18.15 11.80
N THR B 36 -23.61 -19.14 10.93
CA THR B 36 -23.69 -18.85 9.51
C THR B 36 -24.98 -18.08 9.24
N PHE B 37 -26.07 -18.50 9.90
CA PHE B 37 -27.36 -17.83 9.64
C PHE B 37 -27.68 -16.66 10.51
N ALA B 38 -26.90 -16.49 11.59
CA ALA B 38 -27.09 -15.35 12.49
C ALA B 38 -26.44 -14.16 11.85
N ALA B 39 -25.49 -14.39 10.94
CA ALA B 39 -24.82 -13.26 10.34
C ALA B 39 -25.82 -12.65 9.35
N PRO B 40 -25.90 -11.32 9.29
CA PRO B 40 -26.86 -10.79 8.32
C PRO B 40 -26.35 -11.08 6.91
N ALA B 41 -27.25 -11.03 5.95
CA ALA B 41 -26.92 -11.25 4.55
C ALA B 41 -25.99 -10.12 4.07
N THR B 42 -25.15 -10.40 3.09
CA THR B 42 -24.35 -9.30 2.57
C THR B 42 -24.73 -9.20 1.09
N ALA B 43 -24.93 -7.99 0.59
CA ALA B 43 -25.28 -7.79 -0.81
C ALA B 43 -24.17 -8.26 -1.71
N ALA B 44 -22.97 -8.50 -1.16
CA ALA B 44 -21.91 -8.98 -2.03
C ALA B 44 -22.29 -10.32 -2.67
N SER B 45 -22.99 -11.15 -1.92
CA SER B 45 -23.45 -12.48 -2.41
C SER B 45 -24.56 -12.28 -3.44
N THR B 46 -25.46 -11.35 -3.16
CA THR B 46 -26.55 -11.09 -4.09
C THR B 46 -26.02 -10.61 -5.41
N LEU B 47 -25.09 -9.68 -5.33
CA LEU B 47 -24.46 -9.10 -6.51
C LEU B 47 -23.77 -10.19 -7.35
N CYS B 48 -23.24 -11.20 -6.67
CA CYS B 48 -22.57 -12.29 -7.37
C CYS B 48 -23.58 -13.03 -8.28
N LEU B 49 -24.71 -13.43 -7.74
CA LEU B 49 -25.67 -14.11 -8.60
C LEU B 49 -26.26 -13.16 -9.66
N ALA B 50 -26.60 -11.94 -9.23
CA ALA B 50 -27.22 -10.99 -10.18
C ALA B 50 -26.26 -10.69 -11.35
N ALA B 51 -24.95 -10.59 -11.06
CA ALA B 51 -23.97 -10.34 -12.10
C ALA B 51 -23.85 -11.52 -13.05
N CYS B 52 -23.90 -12.74 -12.50
CA CYS B 52 -23.78 -13.94 -13.32
C CYS B 52 -24.96 -13.97 -14.34
N GLU B 53 -26.16 -13.72 -13.85
CA GLU B 53 -27.34 -13.71 -14.75
C GLU B 53 -27.28 -12.54 -15.76
N LEU B 54 -26.83 -11.38 -15.30
CA LEU B 54 -26.73 -10.23 -16.19
C LEU B 54 -25.92 -10.56 -17.43
N VAL B 55 -24.83 -11.30 -17.25
CA VAL B 55 -24.00 -11.62 -18.42
C VAL B 55 -24.46 -12.86 -19.17
N GLY B 56 -25.53 -13.49 -18.71
CA GLY B 56 -26.03 -14.62 -19.46
C GLY B 56 -25.83 -16.01 -18.81
N GLY B 57 -25.10 -16.05 -17.68
CA GLY B 57 -24.87 -17.36 -17.05
C GLY B 57 -26.11 -17.84 -16.31
N ASP B 58 -26.13 -19.13 -15.97
CA ASP B 58 -27.25 -19.66 -15.19
C ASP B 58 -26.95 -19.39 -13.72
N ARG B 59 -27.98 -19.05 -12.94
CA ARG B 59 -27.78 -18.73 -11.52
C ARG B 59 -26.91 -19.76 -10.76
N SER B 60 -27.11 -21.04 -11.03
CA SER B 60 -26.33 -22.08 -10.35
C SER B 60 -24.82 -22.03 -10.57
N GLN B 61 -24.37 -21.43 -11.67
CA GLN B 61 -22.92 -21.37 -11.93
C GLN B 61 -22.22 -20.48 -10.92
N ALA B 62 -22.98 -19.64 -10.26
CA ALA B 62 -22.36 -18.73 -9.31
C ALA B 62 -22.75 -18.99 -7.91
N MET B 63 -23.54 -20.03 -7.65
CA MET B 63 -24.06 -20.22 -6.30
C MET B 63 -22.97 -20.53 -5.27
N ALA B 64 -22.03 -21.37 -5.65
CA ALA B 64 -20.94 -21.72 -4.67
C ALA B 64 -20.15 -20.50 -4.30
N ALA B 65 -19.90 -19.64 -5.28
CA ALA B 65 -19.15 -18.43 -5.00
C ALA B 65 -19.95 -17.50 -4.09
N ALA B 66 -21.25 -17.33 -4.39
CA ALA B 66 -22.07 -16.47 -3.53
C ALA B 66 -22.14 -16.99 -2.10
N ALA B 67 -22.25 -18.31 -1.94
CA ALA B 67 -22.27 -18.94 -0.61
C ALA B 67 -20.93 -18.72 0.07
N ALA B 68 -19.83 -18.91 -0.68
CA ALA B 68 -18.49 -18.71 -0.08
C ALA B 68 -18.35 -17.24 0.36
N ILE B 69 -18.89 -16.33 -0.44
CA ILE B 69 -18.76 -14.93 -0.05
C ILE B 69 -19.54 -14.68 1.23
N HIS B 70 -20.73 -15.27 1.36
CA HIS B 70 -21.49 -15.09 2.59
C HIS B 70 -20.69 -15.68 3.81
N LEU B 71 -20.13 -16.86 3.61
CA LEU B 71 -19.34 -17.50 4.68
C LEU B 71 -18.11 -16.65 5.10
N VAL B 72 -17.36 -16.10 4.14
CA VAL B 72 -16.22 -15.25 4.54
C VAL B 72 -16.80 -14.05 5.36
N HIS B 73 -17.88 -13.46 4.86
CA HIS B 73 -18.49 -12.31 5.56
C HIS B 73 -18.97 -12.74 6.93
N ALA B 74 -19.61 -13.89 7.01
CA ALA B 74 -20.13 -14.34 8.32
C ALA B 74 -18.98 -14.56 9.32
N ALA B 75 -17.91 -15.21 8.87
CA ALA B 75 -16.78 -15.41 9.82
C ALA B 75 -16.22 -14.06 10.32
N ALA B 76 -16.06 -13.08 9.41
CA ALA B 76 -15.48 -11.76 9.81
C ALA B 76 -16.45 -11.06 10.83
N TYR B 77 -17.74 -11.21 10.59
CA TYR B 77 -18.80 -10.64 11.46
C TYR B 77 -18.72 -11.32 12.85
N VAL B 78 -18.61 -12.65 12.89
CA VAL B 78 -18.43 -13.30 14.22
C VAL B 78 -17.16 -12.81 14.89
N HIS B 79 -16.04 -12.84 14.19
CA HIS B 79 -14.79 -12.40 14.79
C HIS B 79 -14.77 -10.95 15.24
N GLU B 80 -15.40 -10.06 14.48
CA GLU B 80 -15.36 -8.65 14.85
C GLU B 80 -16.18 -8.30 16.09
N HIS B 81 -17.10 -9.19 16.48
CA HIS B 81 -17.92 -8.99 17.70
C HIS B 81 -17.50 -9.85 18.91
N LEU B 82 -16.40 -10.60 18.79
CA LEU B 82 -15.91 -11.43 19.88
C LEU B 82 -15.67 -10.57 21.12
N PRO B 83 -16.04 -11.05 22.31
CA PRO B 83 -15.79 -10.22 23.52
C PRO B 83 -14.30 -10.38 23.88
N LEU B 84 -13.47 -9.41 23.55
CA LEU B 84 -12.07 -9.56 23.88
C LEU B 84 -11.83 -9.08 25.33
N THR B 85 -10.76 -9.53 25.98
CA THR B 85 -10.51 -9.15 27.38
C THR B 85 -9.59 -7.96 27.64
N ASP B 86 -8.96 -7.43 26.60
CA ASP B 86 -7.96 -6.37 26.80
C ASP B 86 -8.33 -4.96 26.27
N GLY B 87 -9.59 -4.78 25.92
CA GLY B 87 -10.03 -3.49 25.41
C GLY B 87 -9.33 -3.12 24.13
N SER B 88 -8.86 -4.10 23.33
CA SER B 88 -8.16 -3.72 22.07
C SER B 88 -9.12 -3.38 20.94
N ARG B 89 -10.38 -3.75 21.06
CA ARG B 89 -11.37 -3.42 20.04
C ARG B 89 -12.63 -3.00 20.77
N PRO B 90 -13.00 -1.72 20.66
CA PRO B 90 -14.22 -1.24 21.34
C PRO B 90 -15.45 -2.03 20.89
N VAL B 91 -16.26 -2.43 21.86
CA VAL B 91 -17.50 -3.17 21.64
C VAL B 91 -18.48 -2.38 20.77
N SER B 92 -19.09 -3.05 19.79
CA SER B 92 -20.06 -2.41 18.89
C SER B 92 -21.26 -1.79 19.63
N LYS B 93 -21.73 -0.67 19.07
CA LYS B 93 -22.86 0.10 19.59
C LYS B 93 -23.87 -0.91 20.08
N PRO B 94 -24.79 -1.38 19.23
CA PRO B 94 -25.58 -2.34 20.02
C PRO B 94 -24.71 -3.62 20.04
N ALA B 95 -24.45 -4.17 21.21
CA ALA B 95 -23.63 -5.38 21.29
C ALA B 95 -24.50 -6.52 20.82
N ILE B 96 -24.01 -7.37 19.92
CA ILE B 96 -24.85 -8.45 19.46
C ILE B 96 -24.91 -9.47 20.58
N GLN B 97 -25.81 -10.43 20.44
CA GLN B 97 -25.99 -11.48 21.45
C GLN B 97 -25.04 -12.64 21.12
N HIS B 98 -24.69 -13.46 22.11
CA HIS B 98 -23.79 -14.59 21.90
C HIS B 98 -24.38 -15.88 22.44
N LYS B 99 -24.91 -16.70 21.55
CA LYS B 99 -25.44 -17.96 22.01
C LYS B 99 -24.31 -18.88 22.48
N TYR B 100 -23.13 -18.74 21.87
CA TYR B 100 -21.95 -19.58 22.21
C TYR B 100 -20.82 -18.76 22.85
N GLY B 101 -19.92 -19.45 23.57
CA GLY B 101 -18.77 -18.83 24.18
C GLY B 101 -17.77 -18.24 23.15
N PRO B 102 -16.83 -17.38 23.59
CA PRO B 102 -15.85 -16.75 22.71
C PRO B 102 -14.96 -17.80 22.02
N ASN B 103 -14.54 -18.84 22.74
CA ASN B 103 -13.71 -19.86 22.10
C ASN B 103 -14.43 -20.54 20.95
N VAL B 104 -15.71 -20.90 21.15
CA VAL B 104 -16.48 -21.56 20.13
C VAL B 104 -16.75 -20.62 18.95
N GLU B 105 -17.04 -19.37 19.24
CA GLU B 105 -17.24 -18.38 18.18
C GLU B 105 -15.93 -18.17 17.39
N LEU B 106 -14.80 -18.07 18.09
CA LEU B 106 -13.52 -17.82 17.42
C LEU B 106 -13.22 -19.01 16.45
N LEU B 107 -13.25 -20.23 16.98
CA LEU B 107 -12.99 -21.46 16.22
C LEU B 107 -13.97 -21.67 15.08
N THR B 108 -15.26 -21.43 15.32
CA THR B 108 -16.26 -21.64 14.28
C THR B 108 -16.00 -20.69 13.10
N GLY B 109 -15.65 -19.43 13.40
CA GLY B 109 -15.33 -18.48 12.31
C GLY B 109 -14.14 -19.08 11.53
N ASP B 110 -13.18 -19.71 12.25
CA ASP B 110 -12.04 -20.34 11.56
C ASP B 110 -12.48 -21.56 10.74
N GLY B 111 -13.62 -22.19 11.11
CA GLY B 111 -14.09 -23.33 10.35
C GLY B 111 -15.00 -22.90 9.19
N ILE B 112 -15.64 -21.77 9.34
CA ILE B 112 -16.53 -21.29 8.26
C ILE B 112 -15.80 -20.78 7.01
N VAL B 113 -14.71 -20.03 7.18
CA VAL B 113 -13.99 -19.57 6.01
C VAL B 113 -13.54 -20.71 5.11
N PRO B 114 -12.85 -21.73 5.65
CA PRO B 114 -12.45 -22.81 4.73
C PRO B 114 -13.66 -23.52 4.10
N PHE B 115 -14.80 -23.53 4.80
CA PHE B 115 -15.96 -24.22 4.17
C PHE B 115 -16.34 -23.58 2.84
N GLY B 116 -16.19 -22.25 2.72
CA GLY B 116 -16.48 -21.59 1.43
C GLY B 116 -15.61 -22.13 0.30
N PHE B 117 -14.30 -22.26 0.57
CA PHE B 117 -13.41 -22.77 -0.44
C PHE B 117 -13.68 -24.21 -0.71
N GLU B 118 -14.06 -24.96 0.33
CA GLU B 118 -14.41 -26.39 0.11
C GLU B 118 -15.62 -26.45 -0.86
N LEU B 119 -16.61 -25.59 -0.58
CA LEU B 119 -17.79 -25.57 -1.48
C LEU B 119 -17.37 -25.23 -2.89
N LEU B 120 -16.52 -24.21 -3.02
CA LEU B 120 -16.07 -23.87 -4.41
C LEU B 120 -15.33 -24.98 -5.09
N ALA B 121 -14.36 -25.55 -4.39
CA ALA B 121 -13.57 -26.64 -5.03
C ALA B 121 -14.48 -27.79 -5.38
N GLY B 122 -15.42 -28.11 -4.47
CA GLY B 122 -16.33 -29.23 -4.70
C GLY B 122 -17.36 -28.96 -5.81
N SER B 123 -17.58 -27.69 -6.17
CA SER B 123 -18.58 -27.38 -7.22
C SER B 123 -18.06 -27.57 -8.65
N VAL B 124 -16.78 -27.86 -8.81
CA VAL B 124 -16.24 -28.08 -10.14
C VAL B 124 -16.96 -29.27 -10.80
N ASP B 125 -17.55 -29.04 -11.97
CA ASP B 125 -18.23 -30.14 -12.64
C ASP B 125 -17.21 -30.73 -13.62
N PRO B 126 -16.81 -32.01 -13.44
CA PRO B 126 -15.82 -32.56 -14.39
C PRO B 126 -16.31 -32.67 -15.82
N ALA B 127 -17.62 -32.47 -16.01
CA ALA B 127 -18.18 -32.52 -17.36
C ALA B 127 -18.13 -31.14 -18.05
N ARG B 128 -17.69 -30.10 -17.32
CA ARG B 128 -17.64 -28.73 -17.87
C ARG B 128 -16.18 -28.31 -17.96
N THR B 129 -15.66 -28.22 -19.18
CA THR B 129 -14.27 -27.89 -19.35
C THR B 129 -13.81 -26.50 -18.88
N ASP B 130 -14.71 -25.54 -18.73
CA ASP B 130 -14.26 -24.19 -18.28
C ASP B 130 -14.26 -23.99 -16.75
N ASP B 131 -14.85 -24.94 -16.02
CA ASP B 131 -14.98 -24.84 -14.58
C ASP B 131 -13.68 -24.62 -13.77
N PRO B 132 -12.64 -25.45 -13.99
CA PRO B 132 -11.38 -25.34 -13.26
C PRO B 132 -10.77 -23.93 -13.32
N ASP B 133 -10.62 -23.41 -14.53
CA ASP B 133 -10.08 -22.06 -14.69
C ASP B 133 -10.91 -20.98 -13.99
N ARG B 134 -12.21 -21.04 -14.16
CA ARG B 134 -13.04 -19.98 -13.56
C ARG B 134 -13.09 -20.06 -12.05
N ILE B 135 -13.24 -21.27 -11.54
CA ILE B 135 -13.35 -21.50 -10.09
C ILE B 135 -12.02 -21.11 -9.44
N LEU B 136 -10.92 -21.47 -10.10
CA LEU B 136 -9.61 -21.09 -9.54
C LEU B 136 -9.51 -19.57 -9.46
N ARG B 137 -9.89 -18.90 -10.55
CA ARG B 137 -9.86 -17.45 -10.57
C ARG B 137 -10.70 -16.87 -9.44
N VAL B 138 -11.88 -17.47 -9.25
CA VAL B 138 -12.80 -17.03 -8.21
C VAL B 138 -12.28 -17.25 -6.78
N ILE B 139 -11.56 -18.34 -6.59
CA ILE B 139 -10.98 -18.57 -5.27
C ILE B 139 -9.92 -17.47 -4.96
N ILE B 140 -9.16 -17.08 -5.97
CA ILE B 140 -8.18 -16.02 -5.78
C ILE B 140 -8.89 -14.72 -5.42
N GLU B 141 -9.95 -14.38 -6.16
CA GLU B 141 -10.70 -13.15 -5.90
C GLU B 141 -11.22 -13.08 -4.47
N ILE B 142 -11.87 -14.17 -4.03
CA ILE B 142 -12.43 -14.22 -2.71
C ILE B 142 -11.42 -14.22 -1.57
N SER B 143 -10.38 -15.05 -1.69
CA SER B 143 -9.33 -15.10 -0.65
C SER B 143 -8.63 -13.75 -0.58
N ARG B 144 -8.47 -13.08 -1.73
CA ARG B 144 -7.88 -11.73 -1.69
C ARG B 144 -8.77 -10.72 -0.97
N ALA B 145 -10.04 -10.68 -1.36
CA ALA B 145 -10.99 -9.72 -0.79
C ALA B 145 -11.20 -9.94 0.69
N GLY B 146 -11.13 -11.19 1.14
CA GLY B 146 -11.30 -11.45 2.55
C GLY B 146 -9.98 -11.40 3.30
N GLY B 147 -8.90 -11.06 2.59
CA GLY B 147 -7.55 -11.10 3.12
C GLY B 147 -7.01 -9.86 3.81
N PRO B 148 -5.69 -9.86 4.16
CA PRO B 148 -5.06 -8.72 4.84
C PRO B 148 -5.16 -7.40 4.10
N GLU B 149 -5.21 -7.41 2.78
CA GLU B 149 -5.32 -6.10 2.15
C GLU B 149 -6.75 -5.79 1.69
N GLY B 150 -7.71 -6.63 2.04
CA GLY B 150 -9.06 -6.35 1.61
C GLY B 150 -9.89 -6.04 2.83
N MET B 151 -10.87 -6.87 3.11
CA MET B 151 -11.72 -6.70 4.24
C MET B 151 -11.03 -6.52 5.60
N ILE B 152 -9.96 -7.30 5.79
CA ILE B 152 -9.21 -7.19 7.06
C ILE B 152 -8.63 -5.81 7.26
N SER B 153 -8.16 -5.18 6.20
CA SER B 153 -7.67 -3.81 6.36
C SER B 153 -8.80 -2.86 6.84
N GLY B 154 -10.01 -3.00 6.31
CA GLY B 154 -11.13 -2.14 6.68
C GLY B 154 -11.52 -2.40 8.12
N LEU B 155 -11.56 -3.70 8.48
CA LEU B 155 -11.87 -4.01 9.86
C LEU B 155 -10.85 -3.40 10.82
N HIS B 156 -9.57 -3.42 10.42
CA HIS B 156 -8.48 -2.90 11.26
C HIS B 156 -8.57 -1.35 11.32
N ARG B 157 -8.69 -0.70 10.17
CA ARG B 157 -8.79 0.78 10.16
C ARG B 157 -10.08 1.31 10.81
N GLU B 158 -11.13 0.50 10.78
CA GLU B 158 -12.41 0.88 11.37
C GLU B 158 -12.21 1.18 12.85
N GLU B 159 -11.33 0.44 13.54
CA GLU B 159 -11.12 0.68 14.98
C GLU B 159 -10.55 2.06 15.31
N GLU B 160 -10.07 2.78 14.29
CA GLU B 160 -9.51 4.12 14.51
C GLU B 160 -10.58 5.21 14.40
N ILE B 161 -11.76 4.83 13.97
CA ILE B 161 -12.85 5.79 13.82
C ILE B 161 -13.34 6.24 15.20
N VAL B 162 -13.60 7.54 15.31
CA VAL B 162 -14.18 8.12 16.55
C VAL B 162 -15.57 8.65 16.15
N ASP B 163 -16.60 8.11 16.76
CA ASP B 163 -17.96 8.54 16.45
C ASP B 163 -18.14 10.05 16.59
N GLY B 164 -18.79 10.64 15.58
CA GLY B 164 -18.99 12.08 15.59
C GLY B 164 -17.73 12.86 15.30
N ASN B 165 -16.55 12.25 15.45
CA ASN B 165 -15.32 12.99 15.19
C ASN B 165 -14.26 12.47 14.18
N THR B 166 -14.71 11.88 13.10
CA THR B 166 -13.80 11.36 12.09
C THR B 166 -14.32 11.93 10.76
N SER B 167 -13.41 12.27 9.86
CA SER B 167 -13.84 12.84 8.59
C SER B 167 -14.54 11.86 7.67
N LEU B 168 -15.38 12.38 6.77
CA LEU B 168 -16.03 11.53 5.80
C LEU B 168 -14.99 10.85 4.86
N ASP B 169 -13.86 11.52 4.57
CA ASP B 169 -12.87 10.90 3.68
C ASP B 169 -12.35 9.58 4.33
N PHE B 170 -12.10 9.63 5.64
CA PHE B 170 -11.59 8.45 6.36
C PHE B 170 -12.65 7.35 6.43
N ILE B 171 -13.89 7.72 6.75
CA ILE B 171 -14.97 6.75 6.87
C ILE B 171 -15.23 6.11 5.53
N GLU B 172 -15.19 6.92 4.46
CA GLU B 172 -15.43 6.36 3.15
C GLU B 172 -14.37 5.32 2.80
N TYR B 173 -13.11 5.62 3.12
CA TYR B 173 -12.02 4.67 2.85
C TYR B 173 -12.26 3.35 3.63
N VAL B 174 -12.61 3.47 4.90
CA VAL B 174 -12.88 2.28 5.69
C VAL B 174 -14.03 1.47 5.07
N CYS B 175 -15.04 2.16 4.52
CA CYS B 175 -16.17 1.48 3.88
C CYS B 175 -15.74 0.80 2.58
N LYS B 176 -14.87 1.45 1.85
CA LYS B 176 -14.37 0.88 0.60
C LYS B 176 -13.59 -0.46 0.86
N LYS B 177 -12.81 -0.52 1.95
CA LYS B 177 -12.04 -1.74 2.25
C LYS B 177 -12.89 -2.79 2.95
N LYS B 178 -13.66 -2.36 3.95
CA LYS B 178 -14.48 -3.27 4.70
C LYS B 178 -15.64 -3.87 3.86
N TYR B 179 -16.29 -3.07 3.02
CA TYR B 179 -17.45 -3.53 2.24
C TYR B 179 -17.24 -3.49 0.76
N GLY B 180 -16.72 -2.37 0.25
CA GLY B 180 -16.51 -2.22 -1.17
C GLY B 180 -15.73 -3.30 -1.90
N GLU B 181 -14.57 -3.72 -1.35
CA GLU B 181 -13.73 -4.72 -1.99
C GLU B 181 -14.45 -6.05 -2.13
N MET B 182 -15.27 -6.38 -1.15
CA MET B 182 -16.02 -7.64 -1.18
C MET B 182 -17.20 -7.53 -2.19
N HIS B 183 -17.79 -6.36 -2.29
CA HIS B 183 -18.87 -6.21 -3.26
C HIS B 183 -18.32 -6.23 -4.67
N ALA B 184 -17.11 -5.66 -4.86
CA ALA B 184 -16.44 -5.69 -6.17
C ALA B 184 -16.12 -7.13 -6.54
N CYS B 185 -15.64 -7.86 -5.53
CA CYS B 185 -15.30 -9.27 -5.63
C CYS B 185 -16.55 -10.04 -6.09
N GLY B 186 -17.64 -9.90 -5.34
CA GLY B 186 -18.89 -10.58 -5.73
C GLY B 186 -19.32 -10.33 -7.19
N ALA B 187 -19.37 -9.06 -7.56
CA ALA B 187 -19.77 -8.72 -8.94
C ALA B 187 -18.80 -9.34 -9.93
N ALA B 188 -17.49 -9.22 -9.65
CA ALA B 188 -16.50 -9.77 -10.59
C ALA B 188 -16.59 -11.30 -10.73
N CYS B 189 -16.69 -12.00 -9.60
CA CYS B 189 -16.82 -13.45 -9.61
C CYS B 189 -18.08 -13.85 -10.38
N GLY B 190 -19.21 -13.18 -10.12
CA GLY B 190 -20.45 -13.51 -10.86
C GLY B 190 -20.21 -13.38 -12.39
N ALA B 191 -19.52 -12.31 -12.80
CA ALA B 191 -19.25 -12.12 -14.22
C ALA B 191 -18.37 -13.21 -14.80
N ILE B 192 -17.33 -13.52 -14.06
CA ILE B 192 -16.40 -14.54 -14.46
C ILE B 192 -17.11 -15.84 -14.60
N LEU B 193 -17.90 -16.16 -13.60
CA LEU B 193 -18.61 -17.45 -13.64
C LEU B 193 -19.71 -17.55 -14.75
N GLY B 194 -20.24 -16.41 -15.18
CA GLY B 194 -21.26 -16.41 -16.21
C GLY B 194 -20.60 -16.39 -17.57
N GLY B 195 -19.28 -16.34 -17.61
CA GLY B 195 -18.54 -16.37 -18.88
C GLY B 195 -18.31 -15.05 -19.60
N ALA B 196 -18.38 -13.94 -18.87
CA ALA B 196 -18.19 -12.60 -19.44
C ALA B 196 -16.75 -12.37 -19.91
N ALA B 197 -16.54 -11.39 -20.80
CA ALA B 197 -15.20 -11.07 -21.25
C ALA B 197 -14.64 -10.04 -20.25
N GLU B 198 -13.31 -9.87 -20.28
CA GLU B 198 -12.64 -8.96 -19.36
C GLU B 198 -13.22 -7.59 -19.24
N GLU B 199 -13.66 -6.98 -20.34
CA GLU B 199 -14.22 -5.64 -20.19
C GLU B 199 -15.47 -5.58 -19.29
N GLU B 200 -16.36 -6.56 -19.41
CA GLU B 200 -17.61 -6.61 -18.60
C GLU B 200 -17.23 -6.89 -17.13
N ILE B 201 -16.35 -7.86 -16.93
CA ILE B 201 -15.88 -8.18 -15.57
C ILE B 201 -15.40 -6.91 -14.86
N GLN B 202 -14.53 -6.16 -15.55
CA GLN B 202 -14.01 -4.93 -14.95
C GLN B 202 -15.10 -3.94 -14.60
N LYS B 203 -16.05 -3.75 -15.51
CA LYS B 203 -17.11 -2.82 -15.22
C LYS B 203 -17.96 -3.28 -14.07
N LEU B 204 -18.29 -4.58 -14.07
CA LEU B 204 -19.12 -5.10 -13.00
C LEU B 204 -18.29 -4.98 -11.72
N ARG B 205 -17.00 -5.25 -11.80
CA ARG B 205 -16.11 -5.10 -10.63
C ARG B 205 -16.19 -3.68 -10.05
N ASN B 206 -16.07 -2.67 -10.94
CA ASN B 206 -16.11 -1.27 -10.50
C ASN B 206 -17.41 -0.88 -9.87
N PHE B 207 -18.50 -1.34 -10.49
CA PHE B 207 -19.81 -1.04 -9.98
C PHE B 207 -19.92 -1.57 -8.55
N GLY B 208 -19.56 -2.86 -8.38
CA GLY B 208 -19.61 -3.47 -7.07
C GLY B 208 -18.79 -2.65 -6.06
N LEU B 209 -17.63 -2.20 -6.48
CA LEU B 209 -16.78 -1.42 -5.59
C LEU B 209 -17.54 -0.22 -5.07
N TYR B 210 -18.03 0.64 -5.98
CA TYR B 210 -18.78 1.83 -5.56
C TYR B 210 -20.03 1.48 -4.80
N GLN B 211 -20.75 0.45 -5.26
CA GLN B 211 -21.98 0.03 -4.58
C GLN B 211 -21.73 -0.41 -3.15
N GLY B 212 -20.72 -1.25 -2.96
CA GLY B 212 -20.42 -1.70 -1.63
C GLY B 212 -19.99 -0.55 -0.77
N THR B 213 -19.22 0.38 -1.34
CA THR B 213 -18.77 1.52 -0.54
C THR B 213 -19.95 2.34 -0.02
N LEU B 214 -20.97 2.51 -0.87
CA LEU B 214 -22.23 3.23 -0.57
C LEU B 214 -22.99 2.53 0.55
N ARG B 215 -23.18 1.23 0.37
CA ARG B 215 -23.88 0.43 1.36
C ARG B 215 -23.24 0.49 2.73
N GLY B 216 -21.90 0.51 2.79
CA GLY B 216 -21.23 0.59 4.09
C GLY B 216 -21.45 2.00 4.68
N MET B 217 -21.35 2.98 3.80
CA MET B 217 -21.54 4.39 4.12
C MET B 217 -22.85 4.47 4.92
N MET B 218 -23.88 3.83 4.38
CA MET B 218 -25.19 3.80 5.00
C MET B 218 -25.22 3.04 6.33
N GLU B 219 -24.53 1.91 6.42
CA GLU B 219 -24.51 1.16 7.68
C GLU B 219 -23.89 2.03 8.77
N MET B 220 -23.04 2.97 8.40
CA MET B 220 -22.42 3.82 9.40
C MET B 220 -23.11 5.16 9.68
N LYS B 221 -24.06 5.54 8.82
CA LYS B 221 -24.79 6.82 8.97
C LYS B 221 -25.38 7.07 10.34
N ASN B 222 -25.68 5.99 11.04
CA ASN B 222 -26.29 6.05 12.38
C ASN B 222 -25.34 6.60 13.45
N SER B 223 -24.04 6.47 13.22
CA SER B 223 -23.03 6.92 14.19
C SER B 223 -22.33 8.23 13.82
N HIS B 224 -22.57 8.72 12.61
CA HIS B 224 -21.94 9.94 12.14
C HIS B 224 -22.93 10.76 11.35
N GLN B 225 -23.98 11.24 12.01
CA GLN B 225 -24.99 12.05 11.36
C GLN B 225 -24.28 13.20 10.63
N LEU B 226 -23.94 12.93 9.38
CA LEU B 226 -23.25 13.86 8.51
C LEU B 226 -23.44 13.23 7.14
N ILE B 227 -24.51 12.43 7.05
CA ILE B 227 -24.93 11.73 5.84
C ILE B 227 -25.03 12.72 4.69
N ASP B 228 -23.87 13.09 4.16
CA ASP B 228 -23.81 14.04 3.06
C ASP B 228 -24.28 13.36 1.78
N GLU B 229 -25.24 13.97 1.09
CA GLU B 229 -25.74 13.39 -0.14
C GLU B 229 -24.70 13.61 -1.25
N ASN B 230 -23.73 14.50 -0.98
CA ASN B 230 -22.67 14.84 -1.92
C ASN B 230 -21.70 13.70 -2.20
N ILE B 231 -21.31 12.99 -1.15
CA ILE B 231 -20.40 11.85 -1.27
C ILE B 231 -21.23 10.69 -1.84
N ILE B 232 -22.50 10.65 -1.45
CA ILE B 232 -23.46 9.64 -1.91
C ILE B 232 -23.56 9.74 -3.43
N GLY B 233 -23.80 10.95 -3.91
CA GLY B 233 -23.91 11.18 -5.34
C GLY B 233 -22.65 10.96 -6.15
N LYS B 234 -21.50 11.47 -5.70
CA LYS B 234 -20.22 11.30 -6.42
C LYS B 234 -19.98 9.83 -6.72
N LEU B 235 -20.35 8.98 -5.76
CA LEU B 235 -20.19 7.53 -5.88
C LEU B 235 -21.20 6.84 -6.82
N LYS B 236 -22.48 7.17 -6.70
CA LYS B 236 -23.50 6.56 -7.58
C LYS B 236 -23.15 6.92 -9.02
N GLU B 237 -22.53 8.08 -9.18
CA GLU B 237 -22.10 8.58 -10.47
C GLU B 237 -21.00 7.69 -11.06
N LEU B 238 -20.04 7.28 -10.23
CA LEU B 238 -18.95 6.41 -10.67
C LEU B 238 -19.48 5.00 -10.92
N ALA B 239 -20.50 4.61 -10.15
CA ALA B 239 -21.14 3.29 -10.27
C ALA B 239 -21.92 3.26 -11.58
N LEU B 240 -23.04 3.98 -11.59
CA LEU B 240 -23.90 4.08 -12.75
C LEU B 240 -23.06 4.29 -14.01
N GLU B 241 -22.12 5.20 -13.93
CA GLU B 241 -21.22 5.50 -15.04
C GLU B 241 -20.64 4.19 -15.58
N GLU B 242 -20.20 3.34 -14.65
CA GLU B 242 -19.60 2.06 -15.00
C GLU B 242 -20.53 1.08 -15.69
N LEU B 243 -21.83 1.28 -15.55
CA LEU B 243 -22.80 0.39 -16.17
C LEU B 243 -23.04 0.76 -17.64
N GLY B 244 -22.73 2.00 -18.01
CA GLY B 244 -22.89 2.40 -19.39
C GLY B 244 -22.01 1.51 -20.25
N GLY B 245 -22.63 0.80 -21.19
CA GLY B 245 -21.91 -0.12 -22.06
C GLY B 245 -22.48 -1.52 -21.85
N PHE B 246 -23.58 -1.57 -21.10
CA PHE B 246 -24.27 -2.81 -20.77
C PHE B 246 -25.78 -2.65 -21.04
N HIS B 247 -26.19 -1.39 -21.19
CA HIS B 247 -27.57 -0.97 -21.47
C HIS B 247 -28.67 -2.05 -21.52
N GLY B 248 -29.65 -1.90 -20.63
CA GLY B 248 -30.74 -2.86 -20.55
C GLY B 248 -31.26 -2.88 -19.12
N LYS B 249 -32.08 -3.86 -18.76
CA LYS B 249 -32.60 -3.95 -17.39
C LYS B 249 -31.47 -3.97 -16.39
N ASN B 250 -30.41 -4.70 -16.75
CA ASN B 250 -29.26 -4.83 -15.86
C ASN B 250 -28.51 -3.51 -15.74
N ALA B 251 -28.29 -2.84 -16.86
CA ALA B 251 -27.62 -1.56 -16.81
C ALA B 251 -28.45 -0.69 -15.85
N GLU B 252 -29.61 -1.19 -15.43
CA GLU B 252 -30.45 -0.45 -14.50
C GLU B 252 -31.18 -1.32 -13.47
N LEU B 253 -30.99 -2.63 -13.54
CA LEU B 253 -31.62 -3.53 -12.57
C LEU B 253 -30.66 -3.42 -11.43
N MET B 254 -29.40 -3.20 -11.80
CA MET B 254 -28.32 -3.03 -10.85
C MET B 254 -28.60 -1.69 -10.18
N SER B 255 -29.07 -0.72 -10.97
CA SER B 255 -29.41 0.60 -10.47
C SER B 255 -30.27 0.46 -9.20
N SER B 256 -31.14 -0.55 -9.19
CA SER B 256 -32.02 -0.81 -8.05
C SER B 256 -31.19 -1.04 -6.78
N LEU B 257 -29.97 -1.51 -6.96
CA LEU B 257 -29.06 -1.80 -5.86
C LEU B 257 -28.46 -0.54 -5.22
N VAL B 258 -28.35 0.56 -5.98
CA VAL B 258 -27.80 1.80 -5.44
C VAL B 258 -28.92 2.82 -5.18
N ALA B 259 -30.10 2.29 -4.85
CA ALA B 259 -31.29 3.09 -4.58
C ALA B 259 -31.41 3.43 -3.10
N MET C 1 35.08 5.82 2.89
CA MET C 1 34.37 4.96 1.90
C MET C 1 35.33 4.65 0.75
N GLN C 2 34.98 3.64 -0.03
CA GLN C 2 35.81 3.22 -1.17
C GLN C 2 36.11 4.39 -2.12
N PRO C 3 37.32 4.37 -2.73
CA PRO C 3 37.79 5.40 -3.68
C PRO C 3 36.83 5.71 -4.83
N TYR C 4 36.26 4.69 -5.45
CA TYR C 4 35.36 4.91 -6.58
C TYR C 4 34.10 5.74 -6.23
N TRP C 5 33.43 5.31 -5.15
CA TRP C 5 32.23 5.97 -4.69
C TRP C 5 32.55 7.38 -4.23
N ALA C 6 33.70 7.54 -3.57
CA ALA C 6 34.10 8.87 -3.15
C ALA C 6 34.37 9.76 -4.36
N ALA C 7 34.96 9.25 -5.44
CA ALA C 7 35.22 10.15 -6.57
C ALA C 7 33.92 10.50 -7.26
N ILE C 8 32.96 9.58 -7.28
CA ILE C 8 31.65 9.91 -7.89
C ILE C 8 30.94 10.99 -7.00
N GLU C 9 30.98 10.79 -5.70
CA GLU C 9 30.35 11.76 -4.81
C GLU C 9 30.92 13.17 -5.06
N ALA C 10 32.25 13.30 -5.17
CA ALA C 10 32.87 14.59 -5.40
C ALA C 10 32.37 15.26 -6.71
N ASP C 11 32.25 14.44 -7.78
CA ASP C 11 31.74 14.97 -9.04
C ASP C 11 30.33 15.59 -8.80
N ILE C 12 29.47 14.88 -8.08
CA ILE C 12 28.12 15.40 -7.83
C ILE C 12 28.23 16.67 -7.04
N GLU C 13 29.11 16.65 -6.03
CA GLU C 13 29.29 17.87 -5.24
C GLU C 13 29.78 19.02 -6.18
N ARG C 14 30.78 18.76 -7.04
CA ARG C 14 31.24 19.87 -7.91
C ARG C 14 30.12 20.36 -8.84
N TYR C 15 29.30 19.45 -9.37
CA TYR C 15 28.19 19.82 -10.26
C TYR C 15 27.15 20.66 -9.49
N LEU C 16 26.80 20.26 -8.26
CA LEU C 16 25.84 21.07 -7.50
C LEU C 16 26.39 22.46 -7.20
N LYS C 17 27.68 22.56 -6.90
CA LYS C 17 28.26 23.86 -6.61
C LYS C 17 28.28 24.76 -7.83
N LYS C 18 28.58 24.19 -8.97
CA LYS C 18 28.54 25.02 -10.17
C LYS C 18 27.06 25.43 -10.47
N SER C 19 26.10 24.58 -10.11
CA SER C 19 24.67 24.85 -10.41
C SER C 19 23.99 25.83 -9.47
N ILE C 20 24.55 25.96 -8.28
CA ILE C 20 23.95 26.86 -7.31
C ILE C 20 24.97 27.93 -7.01
N THR C 21 24.81 29.08 -7.63
CA THR C 21 25.75 30.17 -7.39
C THR C 21 25.10 31.17 -6.41
N ILE C 22 25.71 31.34 -5.24
CA ILE C 22 25.17 32.29 -4.25
C ILE C 22 25.17 33.68 -4.92
N ARG C 23 24.02 34.36 -4.96
CA ARG C 23 23.92 35.66 -5.64
C ARG C 23 22.73 36.34 -5.09
N PRO C 24 22.49 37.62 -5.47
CA PRO C 24 21.31 38.29 -4.91
C PRO C 24 20.03 37.66 -5.40
N PRO C 25 19.04 37.54 -4.51
CA PRO C 25 19.15 37.96 -3.10
C PRO C 25 19.82 36.86 -2.28
N GLU C 26 20.87 37.20 -1.53
CA GLU C 26 21.52 36.16 -0.73
C GLU C 26 20.65 35.62 0.37
N THR C 27 19.58 36.32 0.75
CA THR C 27 18.64 35.78 1.77
C THR C 27 18.00 34.45 1.22
N VAL C 28 17.97 34.30 -0.11
CA VAL C 28 17.39 33.13 -0.74
C VAL C 28 18.49 32.17 -1.13
N PHE C 29 19.49 32.68 -1.83
CA PHE C 29 20.55 31.79 -2.27
C PHE C 29 21.56 31.32 -1.22
N GLY C 30 21.73 32.11 -0.16
CA GLY C 30 22.67 31.69 0.88
C GLY C 30 22.18 30.40 1.49
N PRO C 31 20.95 30.35 2.04
CA PRO C 31 20.42 29.09 2.64
C PRO C 31 20.21 27.97 1.61
N MET C 32 19.80 28.36 0.41
CA MET C 32 19.63 27.32 -0.61
C MET C 32 20.97 26.57 -0.79
N HIS C 33 22.08 27.30 -0.89
CA HIS C 33 23.38 26.66 -1.09
C HIS C 33 23.80 25.90 0.19
N HIS C 34 23.68 26.57 1.33
CA HIS C 34 24.07 25.94 2.57
C HIS C 34 23.31 24.62 2.85
N LEU C 35 21.97 24.66 2.78
CA LEU C 35 21.19 23.48 3.11
C LEU C 35 21.43 22.33 2.11
N THR C 36 21.74 22.64 0.87
CA THR C 36 22.03 21.55 -0.07
C THR C 36 23.24 20.69 0.40
N PHE C 37 24.31 21.36 0.84
CA PHE C 37 25.51 20.67 1.29
C PHE C 37 25.48 20.30 2.79
N ALA C 38 24.51 20.82 3.52
CA ALA C 38 24.41 20.44 4.93
C ALA C 38 23.74 19.05 5.07
N ALA C 39 22.98 18.63 4.07
CA ALA C 39 22.33 17.32 4.15
C ALA C 39 23.37 16.23 3.93
N PRO C 40 23.15 15.02 4.51
CA PRO C 40 24.08 13.91 4.36
C PRO C 40 24.18 13.55 2.87
N ALA C 41 25.30 12.95 2.47
CA ALA C 41 25.42 12.44 1.07
C ALA C 41 24.49 11.23 1.00
N THR C 42 23.91 10.94 -0.17
CA THR C 42 23.07 9.75 -0.28
C THR C 42 23.59 8.89 -1.43
N ALA C 43 23.68 7.60 -1.22
CA ALA C 43 24.16 6.69 -2.28
C ALA C 43 23.08 6.57 -3.38
N ALA C 44 21.87 7.07 -3.10
CA ALA C 44 20.85 7.04 -4.14
C ALA C 44 21.33 7.92 -5.30
N SER C 45 22.09 8.96 -4.98
CA SER C 45 22.55 9.87 -6.02
C SER C 45 23.80 9.31 -6.74
N THR C 46 24.78 8.77 -5.99
CA THR C 46 25.94 8.20 -6.66
C THR C 46 25.54 6.93 -7.45
N LEU C 47 24.59 6.16 -6.93
CA LEU C 47 24.07 4.96 -7.57
C LEU C 47 23.50 5.24 -8.96
N CYS C 48 23.00 6.47 -9.16
CA CYS C 48 22.47 6.92 -10.44
C CYS C 48 23.64 7.03 -11.46
N LEU C 49 24.73 7.71 -11.12
CA LEU C 49 25.90 7.83 -12.04
C LEU C 49 26.52 6.44 -12.27
N ALA C 50 26.66 5.67 -11.19
CA ALA C 50 27.24 4.32 -11.26
C ALA C 50 26.46 3.39 -12.18
N ALA C 51 25.14 3.32 -11.98
CA ALA C 51 24.26 2.48 -12.78
C ALA C 51 24.34 2.88 -14.27
N CYS C 52 24.43 4.17 -14.54
CA CYS C 52 24.51 4.65 -15.91
C CYS C 52 25.79 4.01 -16.50
N GLU C 53 26.94 4.28 -15.88
CA GLU C 53 28.20 3.70 -16.31
C GLU C 53 28.10 2.17 -16.39
N LEU C 54 27.51 1.48 -15.40
CA LEU C 54 27.41 0.04 -15.48
C LEU C 54 26.77 -0.48 -16.79
N VAL C 55 25.79 0.25 -17.31
CA VAL C 55 25.17 -0.19 -18.54
C VAL C 55 25.81 0.44 -19.79
N GLY C 56 26.96 1.11 -19.60
CA GLY C 56 27.70 1.68 -20.70
C GLY C 56 27.43 3.10 -21.13
N GLY C 57 26.49 3.78 -20.49
CA GLY C 57 26.24 5.15 -20.89
C GLY C 57 27.35 5.99 -20.32
N ASP C 58 27.30 7.29 -20.50
CA ASP C 58 28.30 8.19 -19.92
C ASP C 58 27.67 8.81 -18.67
N ARG C 59 28.33 8.65 -17.52
CA ARG C 59 27.79 9.19 -16.26
C ARG C 59 27.35 10.66 -16.38
N SER C 60 27.92 11.37 -17.33
CA SER C 60 27.57 12.77 -17.55
C SER C 60 26.11 13.01 -17.97
N GLN C 61 25.46 11.97 -18.50
CA GLN C 61 24.08 12.12 -18.90
C GLN C 61 23.13 11.80 -17.73
N ALA C 62 23.70 11.29 -16.65
CA ALA C 62 22.92 10.95 -15.46
C ALA C 62 23.17 11.99 -14.35
N MET C 63 24.02 12.97 -14.63
CA MET C 63 24.38 13.96 -13.64
C MET C 63 23.23 14.82 -13.16
N ALA C 64 22.40 15.33 -14.06
CA ALA C 64 21.29 16.19 -13.65
C ALA C 64 20.36 15.40 -12.76
N ALA C 65 20.15 14.14 -13.11
CA ALA C 65 19.32 13.24 -12.30
C ALA C 65 19.96 12.92 -10.93
N ALA C 66 21.28 12.73 -10.91
CA ALA C 66 21.95 12.43 -9.62
C ALA C 66 21.80 13.66 -8.68
N ALA C 67 21.93 14.84 -9.27
CA ALA C 67 21.82 16.09 -8.57
C ALA C 67 20.39 16.27 -8.05
N ALA C 68 19.38 16.03 -8.89
CA ALA C 68 17.97 16.13 -8.51
C ALA C 68 17.64 15.22 -7.34
N ILE C 69 18.18 14.01 -7.38
CA ILE C 69 17.93 13.03 -6.33
C ILE C 69 18.53 13.51 -5.01
N HIS C 70 19.74 14.07 -5.05
CA HIS C 70 20.34 14.57 -3.82
C HIS C 70 19.47 15.73 -3.28
N LEU C 71 18.99 16.58 -4.19
CA LEU C 71 18.22 17.74 -3.82
C LEU C 71 16.90 17.34 -3.16
N VAL C 72 16.21 16.38 -3.75
CA VAL C 72 14.96 15.90 -3.15
C VAL C 72 15.25 15.32 -1.76
N HIS C 73 16.35 14.57 -1.65
CA HIS C 73 16.74 13.97 -0.36
C HIS C 73 17.06 15.10 0.67
N ALA C 74 17.74 16.13 0.20
CA ALA C 74 18.17 17.21 1.09
C ALA C 74 17.00 18.00 1.63
N ALA C 75 16.04 18.30 0.76
CA ALA C 75 14.87 19.03 1.20
C ALA C 75 14.16 18.18 2.25
N ALA C 76 14.04 16.87 1.99
CA ALA C 76 13.34 16.00 2.99
C ALA C 76 14.14 16.01 4.32
N TYR C 77 15.46 16.02 4.20
CA TYR C 77 16.29 15.98 5.40
C TYR C 77 16.06 17.27 6.22
N VAL C 78 16.04 18.40 5.54
CA VAL C 78 15.81 19.67 6.23
C VAL C 78 14.43 19.67 6.90
N HIS C 79 13.41 19.32 6.13
CA HIS C 79 12.09 19.26 6.74
C HIS C 79 11.98 18.25 7.87
N GLU C 80 12.65 17.10 7.77
CA GLU C 80 12.62 16.11 8.84
C GLU C 80 13.18 16.70 10.21
N HIS C 81 14.13 17.63 10.13
CA HIS C 81 14.71 18.19 11.35
C HIS C 81 14.19 19.55 11.81
N LEU C 82 13.10 20.01 11.23
CA LEU C 82 12.49 21.28 11.63
C LEU C 82 11.98 21.20 13.01
N PRO C 83 12.22 22.25 13.81
CA PRO C 83 11.72 22.21 15.19
C PRO C 83 10.21 22.48 15.10
N LEU C 84 9.33 21.49 15.21
CA LEU C 84 7.88 21.82 15.16
C LEU C 84 7.40 22.15 16.58
N THR C 85 6.37 22.98 16.70
CA THR C 85 5.91 23.45 18.03
C THR C 85 4.87 22.68 18.82
N ASP C 86 4.22 21.72 18.18
CA ASP C 86 3.12 21.02 18.80
C ASP C 86 3.33 19.63 19.26
N GLY C 87 4.58 19.21 19.32
CA GLY C 87 4.84 17.84 19.74
C GLY C 87 4.13 16.80 18.88
N SER C 88 3.86 17.14 17.61
CA SER C 88 3.21 16.17 16.76
C SER C 88 4.19 15.07 16.31
N ARG C 89 5.48 15.28 16.55
CA ARG C 89 6.46 14.26 16.24
C ARG C 89 7.54 14.18 17.31
N PRO C 90 8.18 13.02 17.44
CA PRO C 90 9.22 12.93 18.47
C PRO C 90 10.35 13.87 18.09
N VAL C 91 11.08 14.39 19.07
CA VAL C 91 12.19 15.27 18.70
C VAL C 91 13.40 14.32 18.73
N SER C 92 13.57 13.58 17.63
CA SER C 92 14.64 12.58 17.58
C SER C 92 15.83 13.03 18.36
N LYS C 93 16.09 12.22 19.38
CA LYS C 93 17.19 12.46 20.31
C LYS C 93 18.32 13.28 19.67
N PRO C 94 18.68 12.97 18.40
CA PRO C 94 19.76 13.79 17.84
C PRO C 94 19.25 15.12 17.30
N ALA C 95 19.66 16.17 17.98
CA ALA C 95 19.32 17.52 17.59
C ALA C 95 20.50 17.80 16.68
N ILE C 96 20.29 18.52 15.57
CA ILE C 96 21.41 18.81 14.72
C ILE C 96 21.58 20.31 14.77
N GLN C 97 22.70 20.81 14.27
CA GLN C 97 22.88 22.25 14.27
C GLN C 97 21.95 22.88 13.20
N HIS C 98 21.58 24.12 13.42
CA HIS C 98 20.74 24.88 12.51
C HIS C 98 21.35 26.27 12.29
N LYS C 99 21.82 26.56 11.11
CA LYS C 99 22.33 27.92 10.87
C LYS C 99 21.15 28.89 10.70
N TYR C 100 20.10 28.45 10.01
CA TYR C 100 18.92 29.26 9.73
C TYR C 100 17.69 28.87 10.56
N GLY C 101 16.75 29.81 10.71
CA GLY C 101 15.55 29.55 11.47
C GLY C 101 14.59 28.63 10.69
N PRO C 102 13.58 28.07 11.36
CA PRO C 102 12.55 27.14 10.85
C PRO C 102 11.86 27.61 9.61
N ASN C 103 11.48 28.89 9.60
CA ASN C 103 10.79 29.40 8.45
C ASN C 103 11.65 29.37 7.21
N VAL C 104 12.90 29.79 7.35
CA VAL C 104 13.80 29.82 6.21
C VAL C 104 14.14 28.41 5.74
N GLU C 105 14.28 27.50 6.70
CA GLU C 105 14.61 26.10 6.39
C GLU C 105 13.42 25.49 5.66
N LEU C 106 12.22 25.69 6.20
CA LEU C 106 11.00 25.20 5.65
C LEU C 106 10.86 25.64 4.19
N LEU C 107 11.02 26.93 3.98
CA LEU C 107 10.90 27.52 2.64
C LEU C 107 11.98 27.05 1.71
N THR C 108 13.19 26.92 2.24
CA THR C 108 14.28 26.55 1.37
C THR C 108 14.11 25.10 0.85
N GLY C 109 13.63 24.21 1.70
CA GLY C 109 13.35 22.85 1.26
C GLY C 109 12.35 22.97 0.12
N ASP C 110 11.37 23.86 0.28
CA ASP C 110 10.37 24.01 -0.78
C ASP C 110 10.95 24.54 -2.09
N GLY C 111 12.11 25.21 -2.03
CA GLY C 111 12.73 25.76 -3.21
C GLY C 111 13.74 24.81 -3.83
N ILE C 112 14.27 23.94 -2.99
CA ILE C 112 15.27 22.97 -3.42
C ILE C 112 14.67 21.83 -4.30
N VAL C 113 13.51 21.34 -3.92
CA VAL C 113 12.83 20.27 -4.66
C VAL C 113 12.59 20.71 -6.10
N PRO C 114 11.91 21.84 -6.32
CA PRO C 114 11.76 22.17 -7.74
C PRO C 114 13.06 22.40 -8.45
N PHE C 115 14.11 22.84 -7.72
CA PHE C 115 15.35 23.04 -8.42
C PHE C 115 15.80 21.75 -9.10
N GLY C 116 15.60 20.59 -8.47
CA GLY C 116 16.03 19.34 -9.12
C GLY C 116 15.31 19.12 -10.45
N PHE C 117 14.02 19.42 -10.48
CA PHE C 117 13.27 19.25 -11.73
C PHE C 117 13.71 20.27 -12.75
N GLU C 118 14.08 21.45 -12.29
CA GLU C 118 14.57 22.48 -13.21
C GLU C 118 15.85 22.00 -13.93
N LEU C 119 16.79 21.45 -13.14
CA LEU C 119 18.04 20.95 -13.69
C LEU C 119 17.72 19.86 -14.72
N LEU C 120 16.88 18.89 -14.36
CA LEU C 120 16.51 17.81 -15.28
C LEU C 120 15.89 18.37 -16.60
N ALA C 121 14.87 19.23 -16.49
CA ALA C 121 14.22 19.80 -17.69
C ALA C 121 15.18 20.54 -18.56
N GLY C 122 16.08 21.29 -17.93
CA GLY C 122 17.04 22.07 -18.67
C GLY C 122 18.21 21.29 -19.23
N SER C 123 18.33 20.01 -18.90
CA SER C 123 19.45 19.20 -19.39
C SER C 123 19.10 18.46 -20.70
N VAL C 124 17.92 18.70 -21.23
CA VAL C 124 17.55 18.05 -22.48
C VAL C 124 18.50 18.48 -23.60
N ASP C 125 19.18 17.50 -24.19
CA ASP C 125 20.10 17.77 -25.29
C ASP C 125 19.41 17.63 -26.64
N PRO C 126 19.31 18.73 -27.39
CA PRO C 126 18.67 18.80 -28.72
C PRO C 126 19.18 17.73 -29.71
N ALA C 127 20.49 17.55 -29.75
CA ALA C 127 21.12 16.58 -30.63
C ALA C 127 20.99 15.13 -30.11
N ARG C 128 20.06 14.93 -29.17
CA ARG C 128 19.85 13.60 -28.58
C ARG C 128 18.37 13.19 -28.74
N THR C 129 18.12 12.30 -29.69
CA THR C 129 16.76 11.85 -29.98
C THR C 129 15.93 11.47 -28.76
N ASP C 130 16.37 10.43 -28.06
CA ASP C 130 15.65 9.92 -26.89
C ASP C 130 15.71 10.69 -25.57
N ASP C 131 16.38 11.84 -25.54
CA ASP C 131 16.51 12.60 -24.31
C ASP C 131 15.12 12.88 -23.69
N PRO C 132 14.24 13.64 -24.40
CA PRO C 132 12.92 13.91 -23.82
C PRO C 132 12.18 12.78 -23.13
N ASP C 133 12.11 11.64 -23.79
CA ASP C 133 11.41 10.51 -23.23
C ASP C 133 12.09 9.96 -22.02
N ARG C 134 13.41 9.99 -22.02
CA ARG C 134 14.14 9.42 -20.89
C ARG C 134 14.05 10.38 -19.69
N ILE C 135 14.24 11.66 -19.95
CA ILE C 135 14.20 12.68 -18.89
C ILE C 135 12.78 12.76 -18.27
N LEU C 136 11.77 12.59 -19.13
CA LEU C 136 10.38 12.56 -18.67
C LEU C 136 10.17 11.34 -17.77
N ARG C 137 10.66 10.18 -18.21
CA ARG C 137 10.51 8.99 -17.38
C ARG C 137 11.23 9.13 -16.02
N VAL C 138 12.41 9.71 -16.04
CA VAL C 138 13.22 9.91 -14.84
C VAL C 138 12.55 10.95 -13.88
N ILE C 139 11.91 11.99 -14.43
CA ILE C 139 11.19 13.00 -13.62
C ILE C 139 10.04 12.29 -12.89
N ILE C 140 9.41 11.35 -13.58
CA ILE C 140 8.33 10.60 -12.97
C ILE C 140 8.82 9.67 -11.84
N GLU C 141 9.96 9.03 -12.07
CA GLU C 141 10.52 8.14 -11.07
C GLU C 141 10.89 8.94 -9.76
N ILE C 142 11.57 10.03 -9.98
CA ILE C 142 12.06 10.86 -8.85
C ILE C 142 10.90 11.51 -8.07
N SER C 143 9.94 12.10 -8.78
CA SER C 143 8.75 12.72 -8.14
C SER C 143 7.97 11.66 -7.40
N ARG C 144 7.89 10.44 -7.93
CA ARG C 144 7.20 9.39 -7.15
C ARG C 144 7.98 8.98 -5.92
N ALA C 145 9.29 8.83 -6.08
CA ALA C 145 10.09 8.41 -4.94
C ALA C 145 10.10 9.47 -3.82
N GLY C 146 9.97 10.77 -4.16
CA GLY C 146 9.97 11.80 -3.14
C GLY C 146 8.54 12.17 -2.72
N GLY C 147 7.56 11.43 -3.23
CA GLY C 147 6.16 11.70 -3.00
C GLY C 147 5.44 10.99 -1.87
N PRO C 148 4.12 11.17 -1.78
CA PRO C 148 3.34 10.57 -0.71
C PRO C 148 3.46 9.08 -0.43
N GLU C 149 3.78 8.29 -1.46
CA GLU C 149 3.89 6.86 -1.31
C GLU C 149 5.32 6.39 -1.32
N GLY C 150 6.24 7.36 -1.34
CA GLY C 150 7.63 7.01 -1.33
C GLY C 150 8.29 7.44 -0.05
N MET C 151 9.31 8.27 -0.16
CA MET C 151 10.05 8.75 0.97
C MET C 151 9.14 9.34 2.07
N ILE C 152 8.12 10.11 1.69
CA ILE C 152 7.21 10.70 2.73
C ILE C 152 6.50 9.64 3.55
N SER C 153 6.14 8.49 2.93
CA SER C 153 5.51 7.42 3.73
C SER C 153 6.53 6.93 4.78
N GLY C 154 7.78 6.80 4.37
CA GLY C 154 8.84 6.36 5.30
C GLY C 154 9.01 7.35 6.45
N LEU C 155 9.09 8.64 6.12
CA LEU C 155 9.26 9.70 7.15
C LEU C 155 8.10 9.68 8.11
N HIS C 156 6.89 9.61 7.56
CA HIS C 156 5.67 9.54 8.37
C HIS C 156 5.70 8.36 9.33
N ARG C 157 5.96 7.14 8.80
CA ARG C 157 5.99 5.95 9.65
C ARG C 157 7.17 5.95 10.64
N GLU C 158 8.29 6.58 10.29
CA GLU C 158 9.44 6.69 11.15
C GLU C 158 9.05 7.36 12.48
N GLU C 159 8.11 8.29 12.41
CA GLU C 159 7.66 9.01 13.60
C GLU C 159 7.03 8.11 14.64
N GLU C 160 6.66 6.90 14.24
CA GLU C 160 6.01 5.97 15.15
C GLU C 160 7.01 5.07 15.87
N ILE C 161 8.26 5.10 15.44
CA ILE C 161 9.30 4.29 16.05
C ILE C 161 9.56 4.73 17.49
N VAL C 162 9.59 3.79 18.41
CA VAL C 162 9.85 4.12 19.81
C VAL C 162 11.09 3.32 20.24
N ASP C 163 12.15 4.05 20.58
CA ASP C 163 13.42 3.48 21.05
C ASP C 163 13.26 2.14 21.80
N GLY C 164 14.17 1.20 21.48
CA GLY C 164 14.15 -0.12 22.10
C GLY C 164 12.76 -0.63 22.43
N ASN C 165 11.88 -0.64 21.42
CA ASN C 165 10.52 -1.10 21.63
C ASN C 165 9.91 -1.34 20.26
N THR C 166 10.65 -0.97 19.21
CA THR C 166 10.13 -1.16 17.88
C THR C 166 10.85 -2.32 17.28
N SER C 167 10.08 -3.16 16.61
CA SER C 167 10.62 -4.38 16.03
C SER C 167 11.49 -4.09 14.84
N LEU C 168 12.37 -5.03 14.56
CA LEU C 168 13.24 -4.95 13.39
C LEU C 168 12.37 -4.97 12.12
N ASP C 169 11.28 -5.73 12.12
CA ASP C 169 10.44 -5.75 10.88
C ASP C 169 9.90 -4.34 10.55
N PHE C 170 9.49 -3.63 11.61
CA PHE C 170 8.92 -2.30 11.44
C PHE C 170 10.00 -1.31 11.00
N ILE C 171 11.14 -1.33 11.69
CA ILE C 171 12.27 -0.46 11.33
C ILE C 171 12.73 -0.78 9.90
N GLU C 172 12.80 -2.07 9.55
CA GLU C 172 13.22 -2.42 8.15
C GLU C 172 12.22 -1.82 7.12
N TYR C 173 10.92 -1.83 7.45
CA TYR C 173 9.95 -1.24 6.52
C TYR C 173 10.17 0.27 6.39
N VAL C 174 10.34 0.95 7.52
CA VAL C 174 10.62 2.37 7.47
C VAL C 174 11.82 2.64 6.60
N CYS C 175 12.90 1.86 6.77
CA CYS C 175 14.09 2.02 5.97
C CYS C 175 13.85 1.79 4.48
N LYS C 176 13.00 0.81 4.18
CA LYS C 176 12.68 0.52 2.78
C LYS C 176 11.97 1.76 2.15
N LYS C 177 11.01 2.30 2.89
CA LYS C 177 10.29 3.48 2.37
C LYS C 177 11.15 4.79 2.38
N LYS C 178 11.91 5.00 3.44
CA LYS C 178 12.66 6.24 3.56
C LYS C 178 13.91 6.27 2.72
N TYR C 179 14.61 5.12 2.65
CA TYR C 179 15.85 5.01 1.88
C TYR C 179 15.77 4.06 0.66
N GLY C 180 15.27 2.85 0.85
CA GLY C 180 15.27 1.95 -0.32
C GLY C 180 14.60 2.45 -1.58
N GLU C 181 13.45 3.11 -1.48
CA GLU C 181 12.76 3.51 -2.70
C GLU C 181 13.55 4.57 -3.42
N MET C 182 14.20 5.44 -2.65
CA MET C 182 15.03 6.46 -3.28
C MET C 182 16.28 5.81 -3.94
N HIS C 183 16.92 4.87 -3.26
CA HIS C 183 18.09 4.24 -3.84
C HIS C 183 17.70 3.43 -5.13
N ALA C 184 16.57 2.74 -5.03
CA ALA C 184 15.98 1.98 -6.15
C ALA C 184 15.71 2.98 -7.29
N CYS C 185 15.21 4.17 -6.93
CA CYS C 185 14.96 5.20 -7.93
C CYS C 185 16.27 5.63 -8.59
N GLY C 186 17.34 5.83 -7.80
CA GLY C 186 18.56 6.28 -8.44
C GLY C 186 19.17 5.26 -9.41
N ALA C 187 19.21 4.01 -8.99
CA ALA C 187 19.78 2.94 -9.84
C ALA C 187 18.93 2.84 -11.11
N ALA C 188 17.61 2.81 -10.96
CA ALA C 188 16.70 2.70 -12.11
C ALA C 188 16.88 3.88 -13.05
N CYS C 189 16.97 5.10 -12.49
CA CYS C 189 17.17 6.25 -13.36
C CYS C 189 18.51 6.19 -14.07
N GLY C 190 19.53 5.73 -13.36
CA GLY C 190 20.85 5.68 -13.98
C GLY C 190 20.80 4.66 -15.13
N ALA C 191 20.12 3.53 -14.92
CA ALA C 191 19.99 2.50 -15.97
C ALA C 191 19.23 3.13 -17.13
N ILE C 192 18.05 3.70 -16.85
CA ILE C 192 17.29 4.38 -17.90
C ILE C 192 18.13 5.36 -18.69
N LEU C 193 18.83 6.27 -18.01
CA LEU C 193 19.60 7.27 -18.73
C LEU C 193 20.81 6.71 -19.46
N GLY C 194 21.20 5.47 -19.16
CA GLY C 194 22.35 4.87 -19.80
C GLY C 194 21.95 3.89 -20.91
N GLY C 195 20.67 3.87 -21.28
CA GLY C 195 20.21 3.00 -22.35
C GLY C 195 19.86 1.59 -21.99
N ALA C 196 19.95 1.23 -20.72
CA ALA C 196 19.63 -0.15 -20.33
C ALA C 196 18.25 -0.56 -20.86
N ALA C 197 18.01 -1.86 -20.92
CA ALA C 197 16.75 -2.41 -21.36
C ALA C 197 15.94 -2.58 -20.09
N GLU C 198 14.67 -2.88 -20.23
CA GLU C 198 13.80 -3.03 -19.08
C GLU C 198 14.26 -4.09 -18.13
N GLU C 199 15.07 -4.98 -18.68
CA GLU C 199 15.58 -6.09 -17.93
C GLU C 199 16.58 -5.60 -16.89
N GLU C 200 17.59 -4.88 -17.35
CA GLU C 200 18.67 -4.37 -16.50
C GLU C 200 18.16 -3.25 -15.52
N ILE C 201 17.17 -2.48 -15.97
CA ILE C 201 16.53 -1.41 -15.20
C ILE C 201 15.85 -2.03 -13.99
N GLN C 202 15.02 -3.03 -14.20
CA GLN C 202 14.33 -3.66 -13.09
C GLN C 202 15.32 -4.36 -12.14
N LYS C 203 16.39 -4.94 -12.69
CA LYS C 203 17.35 -5.58 -11.77
C LYS C 203 18.13 -4.53 -10.96
N LEU C 204 18.52 -3.44 -11.58
CA LEU C 204 19.26 -2.42 -10.88
C LEU C 204 18.34 -1.73 -9.86
N ARG C 205 17.04 -1.69 -10.18
CA ARG C 205 16.06 -1.07 -9.31
C ARG C 205 16.01 -1.93 -8.04
N ASN C 206 15.78 -3.23 -8.21
CA ASN C 206 15.70 -4.12 -7.07
C ASN C 206 16.97 -4.06 -6.26
N PHE C 207 18.11 -3.97 -6.95
CA PHE C 207 19.39 -3.85 -6.31
C PHE C 207 19.41 -2.60 -5.36
N GLY C 208 19.09 -1.43 -5.91
CA GLY C 208 19.05 -0.20 -5.11
C GLY C 208 18.08 -0.27 -3.95
N LEU C 209 16.94 -0.94 -4.16
CA LEU C 209 15.92 -1.11 -3.11
C LEU C 209 16.52 -1.83 -1.90
N TYR C 210 17.18 -2.96 -2.19
CA TYR C 210 17.80 -3.74 -1.13
C TYR C 210 19.00 -3.05 -0.52
N GLN C 211 19.86 -2.43 -1.34
CA GLN C 211 21.07 -1.76 -0.82
C GLN C 211 20.64 -0.53 0.00
N GLY C 212 19.64 0.19 -0.51
CA GLY C 212 19.15 1.36 0.21
C GLY C 212 18.53 0.96 1.54
N THR C 213 17.77 -0.14 1.54
CA THR C 213 17.14 -0.59 2.79
C THR C 213 18.23 -0.94 3.82
N LEU C 214 19.22 -1.64 3.34
CA LEU C 214 20.33 -2.08 4.21
C LEU C 214 21.09 -0.87 4.72
N ARG C 215 21.34 0.09 3.85
CA ARG C 215 22.02 1.33 4.26
C ARG C 215 21.22 2.02 5.36
N GLY C 216 19.90 2.04 5.23
CA GLY C 216 19.11 2.70 6.28
C GLY C 216 19.20 1.93 7.58
N MET C 217 19.20 0.60 7.49
CA MET C 217 19.29 -0.26 8.68
C MET C 217 20.62 0.03 9.38
N MET C 218 21.73 0.03 8.63
CA MET C 218 23.04 0.34 9.22
C MET C 218 23.03 1.68 10.00
N GLU C 219 22.32 2.69 9.47
CA GLU C 219 22.25 3.97 10.13
C GLU C 219 21.24 4.01 11.27
N MET C 220 20.41 2.99 11.39
CA MET C 220 19.45 2.96 12.49
C MET C 220 19.98 2.01 13.55
N LYS C 221 21.05 1.30 13.21
CA LYS C 221 21.65 0.35 14.15
C LYS C 221 22.40 1.13 15.23
N ASN C 222 22.39 2.45 15.12
CA ASN C 222 23.04 3.34 16.07
C ASN C 222 22.03 3.95 17.05
N SER C 223 20.80 3.46 17.01
CA SER C 223 19.73 3.97 17.88
C SER C 223 18.78 2.85 18.31
N HIS C 224 19.12 1.61 17.94
CA HIS C 224 18.31 0.43 18.26
C HIS C 224 19.23 -0.76 18.21
N GLN C 225 20.34 -0.68 18.93
CA GLN C 225 21.31 -1.76 18.95
C GLN C 225 20.64 -3.12 19.17
N LEU C 226 20.43 -3.80 18.04
CA LEU C 226 19.81 -5.12 17.98
C LEU C 226 20.01 -5.54 16.54
N ILE C 227 20.71 -4.69 15.79
CA ILE C 227 20.99 -4.92 14.39
C ILE C 227 21.52 -6.34 14.16
N ASP C 228 20.59 -7.26 13.94
CA ASP C 228 20.97 -8.63 13.73
C ASP C 228 21.55 -8.84 12.34
N GLU C 229 22.53 -9.73 12.29
CA GLU C 229 23.22 -10.09 11.07
C GLU C 229 22.29 -10.81 10.10
N ASN C 230 21.20 -11.35 10.65
CA ASN C 230 20.20 -12.03 9.85
C ASN C 230 19.69 -11.06 8.81
N ILE C 231 19.11 -9.96 9.29
CA ILE C 231 18.58 -8.91 8.42
C ILE C 231 19.65 -8.46 7.42
N ILE C 232 20.79 -8.01 7.94
CA ILE C 232 21.91 -7.58 7.10
C ILE C 232 22.20 -8.64 6.04
N GLY C 233 22.47 -9.86 6.48
CA GLY C 233 22.74 -10.93 5.53
C GLY C 233 21.60 -11.16 4.58
N LYS C 234 20.35 -11.05 5.05
CA LYS C 234 19.18 -11.25 4.15
C LYS C 234 19.16 -10.25 3.02
N LEU C 235 19.28 -8.97 3.38
CA LEU C 235 19.27 -7.88 2.38
C LEU C 235 20.46 -7.97 1.47
N LYS C 236 21.64 -8.17 2.06
CA LYS C 236 22.85 -8.29 1.28
C LYS C 236 22.66 -9.41 0.24
N GLU C 237 22.20 -10.59 0.66
CA GLU C 237 21.97 -11.69 -0.27
C GLU C 237 21.00 -11.26 -1.39
N LEU C 238 19.85 -10.69 -0.98
CA LEU C 238 18.83 -10.21 -1.91
C LEU C 238 19.40 -9.23 -2.93
N ALA C 239 20.30 -8.37 -2.48
CA ALA C 239 20.91 -7.39 -3.38
C ALA C 239 21.85 -8.01 -4.42
N LEU C 240 22.84 -8.75 -3.94
CA LEU C 240 23.84 -9.37 -4.81
C LEU C 240 23.19 -10.23 -5.90
N GLU C 241 22.11 -10.91 -5.53
CA GLU C 241 21.34 -11.77 -6.42
C GLU C 241 20.82 -11.00 -7.62
N GLU C 242 20.58 -9.71 -7.44
CA GLU C 242 20.08 -8.92 -8.54
C GLU C 242 21.20 -8.48 -9.43
N LEU C 243 22.43 -8.51 -8.95
CA LEU C 243 23.53 -8.07 -9.78
C LEU C 243 24.14 -9.17 -10.68
N GLY C 244 23.65 -10.39 -10.53
CA GLY C 244 24.17 -11.46 -11.35
C GLY C 244 23.83 -11.24 -12.80
N GLY C 245 24.83 -10.91 -13.61
CA GLY C 245 24.58 -10.69 -15.00
C GLY C 245 25.12 -9.37 -15.48
N PHE C 246 26.15 -8.86 -14.82
CA PHE C 246 26.70 -7.58 -15.22
C PHE C 246 28.22 -7.61 -15.44
N HIS C 247 28.88 -8.64 -14.90
CA HIS C 247 30.33 -8.90 -14.99
C HIS C 247 31.29 -7.79 -15.43
N GLY C 248 32.50 -7.79 -14.94
CA GLY C 248 33.41 -6.76 -15.40
C GLY C 248 33.85 -5.73 -14.38
N LYS C 249 34.75 -4.86 -14.83
CA LYS C 249 35.32 -3.79 -13.99
C LYS C 249 34.23 -2.97 -13.29
N ASN C 250 33.28 -2.48 -14.09
CA ASN C 250 32.18 -1.69 -13.57
C ASN C 250 31.29 -2.45 -12.58
N ALA C 251 30.90 -3.66 -12.93
CA ALA C 251 30.04 -4.49 -12.10
C ALA C 251 30.71 -4.90 -10.79
N GLU C 252 32.04 -4.95 -10.81
CA GLU C 252 32.80 -5.34 -9.64
C GLU C 252 32.59 -4.24 -8.58
N LEU C 253 32.79 -3.00 -9.03
CA LEU C 253 32.64 -1.81 -8.23
C LEU C 253 31.23 -1.69 -7.63
N MET C 254 30.23 -1.77 -8.50
CA MET C 254 28.82 -1.68 -8.13
C MET C 254 28.55 -2.65 -6.97
N SER C 255 29.00 -3.86 -7.19
CA SER C 255 28.85 -4.95 -6.27
C SER C 255 29.44 -4.63 -4.93
N SER C 256 30.53 -3.85 -4.93
CA SER C 256 31.21 -3.50 -3.70
C SER C 256 30.40 -2.52 -2.86
N LEU C 257 29.49 -1.78 -3.48
CA LEU C 257 28.69 -0.87 -2.68
C LEU C 257 27.99 -1.65 -1.54
N VAL C 258 27.51 -2.86 -1.85
CA VAL C 258 26.79 -3.71 -0.90
C VAL C 258 27.65 -4.60 -0.05
N ALA C 259 28.67 -5.14 -0.69
CA ALA C 259 29.65 -6.02 -0.06
C ALA C 259 31.06 -5.42 -0.26
N GLU C 260 31.65 -4.87 0.82
CA GLU C 260 33.01 -4.29 0.79
C GLU C 260 34.02 -5.36 0.35
N PRO C 261 34.93 -5.02 -0.58
CA PRO C 261 35.89 -6.06 -0.98
C PRO C 261 36.86 -6.39 0.18
N SER C 262 37.44 -7.60 0.15
CA SER C 262 38.40 -8.00 1.18
C SER C 262 39.59 -7.00 1.18
N LEU C 263 39.89 -6.45 2.36
CA LEU C 263 40.98 -5.50 2.47
C LEU C 263 41.86 -5.70 3.69
N TYR C 264 43.16 -5.54 3.49
CA TYR C 264 44.12 -5.68 4.57
C TYR C 264 43.74 -4.73 5.75
N ALA C 265 43.28 -3.52 5.41
CA ALA C 265 42.85 -2.53 6.41
C ALA C 265 41.98 -3.17 7.52
N ALA C 266 40.86 -3.76 7.11
CA ALA C 266 39.92 -4.42 8.01
C ALA C 266 40.64 -5.36 8.98
N HIS C 267 41.25 -6.39 8.40
CA HIS C 267 41.99 -7.43 9.12
C HIS C 267 43.06 -6.83 10.08
N HIS C 268 43.93 -5.95 9.56
CA HIS C 268 44.95 -5.28 10.36
C HIS C 268 44.34 -4.67 11.66
N HIS C 269 43.23 -3.94 11.53
CA HIS C 269 42.55 -3.34 12.69
C HIS C 269 42.16 -4.44 13.72
N HIS C 270 41.44 -5.46 13.24
CA HIS C 270 41.01 -6.56 14.10
C HIS C 270 42.23 -7.24 14.74
N HIS C 271 43.32 -7.27 13.97
CA HIS C 271 44.59 -7.83 14.42
C HIS C 271 44.96 -7.35 15.83
N MET D 1 -22.90 38.13 -25.91
CA MET D 1 -22.07 38.71 -24.82
C MET D 1 -21.39 37.51 -24.11
N PHE D 2 -20.28 37.75 -23.39
CA PHE D 2 -19.59 36.67 -22.68
C PHE D 2 -20.05 36.58 -21.21
N ASP D 3 -20.58 35.44 -20.77
CA ASP D 3 -21.01 35.27 -19.36
C ASP D 3 -19.84 34.72 -18.51
N PHE D 4 -19.05 35.67 -17.99
CA PHE D 4 -17.87 35.35 -17.17
C PHE D 4 -18.21 34.56 -15.90
N ASP D 5 -19.27 34.93 -15.18
CA ASP D 5 -19.58 34.20 -13.95
C ASP D 5 -19.94 32.76 -14.23
N GLY D 6 -20.66 32.53 -15.33
CA GLY D 6 -21.04 31.17 -15.68
C GLY D 6 -19.79 30.40 -16.13
N TYR D 7 -18.92 31.04 -16.90
CA TYR D 7 -17.66 30.42 -17.38
C TYR D 7 -16.80 29.93 -16.17
N MET D 8 -16.59 30.82 -15.20
CA MET D 8 -15.79 30.52 -13.99
C MET D 8 -16.32 29.37 -13.15
N LEU D 9 -17.63 29.30 -12.97
CA LEU D 9 -18.24 28.26 -12.16
C LEU D 9 -18.03 26.91 -12.86
N ARG D 10 -18.22 26.91 -14.17
CA ARG D 10 -18.06 25.69 -14.99
C ARG D 10 -16.61 25.22 -14.96
N LYS D 11 -15.64 26.12 -15.08
CA LYS D 11 -14.25 25.65 -15.00
C LYS D 11 -13.93 25.12 -13.62
N ALA D 12 -14.34 25.86 -12.58
CA ALA D 12 -14.12 25.45 -11.21
C ALA D 12 -14.71 24.07 -10.93
N LYS D 13 -15.86 23.77 -11.54
CA LYS D 13 -16.51 22.45 -11.34
C LYS D 13 -15.69 21.33 -11.98
N SER D 14 -15.20 21.56 -13.20
CA SER D 14 -14.36 20.56 -13.85
C SER D 14 -13.06 20.34 -13.08
N VAL D 15 -12.46 21.44 -12.63
CA VAL D 15 -11.18 21.36 -11.90
C VAL D 15 -11.39 20.59 -10.57
N ASN D 16 -12.42 20.95 -9.83
CA ASN D 16 -12.67 20.29 -8.55
C ASN D 16 -12.82 18.76 -8.74
N LYS D 17 -13.48 18.40 -9.83
CA LYS D 17 -13.73 17.01 -10.12
C LYS D 17 -12.42 16.28 -10.41
N ALA D 18 -11.58 16.87 -11.24
CA ALA D 18 -10.28 16.32 -11.60
C ALA D 18 -9.34 16.29 -10.37
N LEU D 19 -9.41 17.29 -9.49
CA LEU D 19 -8.54 17.30 -8.30
C LEU D 19 -8.94 16.16 -7.35
N GLU D 20 -10.22 16.03 -7.12
CA GLU D 20 -10.71 14.94 -6.26
C GLU D 20 -10.26 13.62 -6.83
N ALA D 21 -10.35 13.46 -8.15
CA ALA D 21 -9.93 12.23 -8.79
C ALA D 21 -8.42 11.97 -8.70
N ALA D 22 -7.61 13.01 -8.77
CA ALA D 22 -6.15 12.80 -8.79
C ALA D 22 -5.55 12.47 -7.46
N VAL D 23 -6.18 12.92 -6.39
CA VAL D 23 -5.63 12.66 -5.04
C VAL D 23 -6.64 11.88 -4.23
N GLN D 24 -6.56 10.56 -4.28
CA GLN D 24 -7.51 9.73 -3.57
C GLN D 24 -6.98 9.34 -2.19
N MET D 25 -7.87 8.91 -1.33
CA MET D 25 -7.44 8.39 -0.03
C MET D 25 -6.78 7.03 -0.26
N LYS D 26 -5.66 6.83 0.37
CA LYS D 26 -4.95 5.55 0.31
C LYS D 26 -3.96 5.60 1.44
N GLU D 27 -3.28 4.48 1.70
CA GLU D 27 -2.35 4.46 2.80
C GLU D 27 -1.08 5.20 2.41
N PRO D 28 -0.46 5.97 3.33
CA PRO D 28 -0.76 6.26 4.75
C PRO D 28 -1.96 7.21 4.74
N LEU D 29 -3.02 6.82 5.41
CA LEU D 29 -4.25 7.57 5.37
C LEU D 29 -4.23 9.03 5.85
N LYS D 30 -3.51 9.28 6.94
CA LYS D 30 -3.48 10.66 7.42
C LYS D 30 -2.73 11.60 6.47
N ILE D 31 -1.71 11.11 5.79
CA ILE D 31 -1.00 11.96 4.82
C ILE D 31 -2.00 12.32 3.70
N HIS D 32 -2.70 11.33 3.15
CA HIS D 32 -3.66 11.66 2.10
C HIS D 32 -4.89 12.45 2.57
N GLU D 33 -5.39 12.13 3.76
CA GLU D 33 -6.49 12.87 4.32
C GLU D 33 -6.05 14.32 4.39
N SER D 34 -4.85 14.60 4.87
CA SER D 34 -4.37 16.01 4.99
C SER D 34 -4.26 16.71 3.65
N MET D 35 -3.72 15.99 2.66
CA MET D 35 -3.60 16.60 1.35
C MET D 35 -4.97 17.02 0.84
N ARG D 36 -5.94 16.11 0.94
CA ARG D 36 -7.30 16.35 0.44
C ARG D 36 -8.02 17.44 1.25
N TYR D 37 -7.80 17.43 2.54
CA TYR D 37 -8.41 18.44 3.40
C TYR D 37 -8.12 19.84 2.85
N SER D 38 -6.88 20.13 2.45
CA SER D 38 -6.64 21.49 1.97
C SER D 38 -6.86 21.62 0.50
N LEU D 39 -6.58 20.56 -0.28
CA LEU D 39 -6.73 20.68 -1.74
C LEU D 39 -8.19 20.71 -2.21
N LEU D 40 -9.06 20.00 -1.52
CA LEU D 40 -10.42 19.89 -1.98
C LEU D 40 -11.37 20.77 -1.17
N ALA D 41 -10.91 21.90 -0.68
CA ALA D 41 -11.80 22.77 0.08
C ALA D 41 -12.52 23.80 -0.84
N GLY D 42 -12.42 23.63 -2.16
CA GLY D 42 -13.11 24.56 -3.06
C GLY D 42 -12.38 25.88 -3.28
N GLY D 43 -13.10 26.92 -3.68
CA GLY D 43 -12.41 28.17 -3.91
C GLY D 43 -12.57 28.52 -5.37
N LYS D 44 -11.95 29.63 -5.80
CA LYS D 44 -12.11 30.11 -7.16
C LYS D 44 -11.35 29.35 -8.22
N ARG D 45 -10.27 28.65 -7.84
CA ARG D 45 -9.45 27.94 -8.83
C ARG D 45 -8.93 28.87 -9.93
N VAL D 46 -8.48 30.07 -9.58
CA VAL D 46 -7.95 31.02 -10.56
C VAL D 46 -6.71 30.50 -11.31
N ARG D 47 -5.81 29.79 -10.62
CA ARG D 47 -4.61 29.32 -11.32
C ARG D 47 -4.98 28.22 -12.31
N PRO D 48 -5.83 27.25 -11.92
CA PRO D 48 -6.22 26.22 -12.88
C PRO D 48 -6.96 26.91 -14.10
N MET D 49 -7.80 27.90 -13.82
CA MET D 49 -8.53 28.58 -14.91
C MET D 49 -7.60 29.30 -15.84
N LEU D 50 -6.62 30.00 -15.27
CA LEU D 50 -5.62 30.68 -16.12
C LEU D 50 -4.95 29.67 -17.05
N CYS D 51 -4.59 28.52 -16.49
CA CYS D 51 -3.86 27.50 -17.29
C CYS D 51 -4.77 26.97 -18.42
N ILE D 52 -6.00 26.60 -18.05
CA ILE D 52 -6.93 26.05 -19.06
C ILE D 52 -7.25 27.11 -20.14
N ALA D 53 -7.52 28.33 -19.71
CA ALA D 53 -7.87 29.40 -20.66
C ALA D 53 -6.70 29.67 -21.59
N ALA D 54 -5.45 29.70 -21.06
CA ALA D 54 -4.30 29.99 -21.91
C ALA D 54 -4.16 28.85 -22.94
N CYS D 55 -4.43 27.62 -22.54
CA CYS D 55 -4.29 26.49 -23.46
C CYS D 55 -5.36 26.61 -24.56
N GLU D 56 -6.62 26.86 -24.15
CA GLU D 56 -7.73 26.97 -25.11
C GLU D 56 -7.51 28.18 -25.99
N LEU D 57 -7.05 29.29 -25.40
CA LEU D 57 -6.78 30.49 -26.20
C LEU D 57 -5.87 30.22 -27.41
N VAL D 58 -4.79 29.50 -27.22
CA VAL D 58 -3.89 29.27 -28.34
C VAL D 58 -4.29 28.08 -29.21
N GLY D 59 -5.45 27.48 -28.93
CA GLY D 59 -5.89 26.39 -29.80
C GLY D 59 -5.88 24.99 -29.24
N GLY D 60 -5.46 24.77 -28.00
CA GLY D 60 -5.46 23.41 -27.46
C GLY D 60 -6.73 23.12 -26.69
N ASP D 61 -6.81 21.99 -26.02
CA ASP D 61 -8.04 21.74 -25.28
C ASP D 61 -7.90 21.56 -23.76
N GLU D 62 -9.02 21.63 -23.09
CA GLU D 62 -9.01 21.50 -21.65
C GLU D 62 -8.35 20.25 -21.14
N SER D 63 -8.69 19.10 -21.74
CA SER D 63 -8.17 17.82 -21.25
C SER D 63 -6.65 17.77 -21.31
N THR D 64 -6.04 18.46 -22.24
CA THR D 64 -4.57 18.48 -22.30
C THR D 64 -3.95 19.27 -21.15
N ALA D 65 -4.60 20.37 -20.80
CA ALA D 65 -4.14 21.25 -19.74
C ALA D 65 -4.55 20.83 -18.33
N MET D 66 -5.51 19.91 -18.19
CA MET D 66 -6.05 19.62 -16.88
C MET D 66 -5.02 19.16 -15.79
N PRO D 67 -4.12 18.21 -16.13
CA PRO D 67 -3.12 17.76 -15.13
C PRO D 67 -2.27 18.96 -14.70
N ALA D 68 -1.82 19.79 -15.66
CA ALA D 68 -1.06 20.97 -15.30
C ALA D 68 -1.91 21.95 -14.51
N ALA D 69 -3.17 22.14 -14.87
CA ALA D 69 -4.04 23.03 -14.09
C ALA D 69 -4.14 22.52 -12.62
N CYS D 70 -4.35 21.23 -12.44
CA CYS D 70 -4.41 20.65 -11.09
C CYS D 70 -3.06 20.82 -10.36
N ALA D 71 -1.94 20.62 -11.08
CA ALA D 71 -0.60 20.80 -10.50
C ALA D 71 -0.44 22.24 -9.93
N VAL D 72 -0.74 23.28 -10.71
CA VAL D 72 -0.55 24.60 -10.13
C VAL D 72 -1.45 24.81 -8.90
N GLU D 73 -2.62 24.18 -8.88
CA GLU D 73 -3.47 24.34 -7.68
C GLU D 73 -2.83 23.53 -6.54
N MET D 74 -2.21 22.38 -6.87
CA MET D 74 -1.55 21.62 -5.82
C MET D 74 -0.42 22.43 -5.16
N ILE D 75 0.32 23.17 -5.97
CA ILE D 75 1.42 23.99 -5.47
C ILE D 75 0.85 25.14 -4.65
N HIS D 76 -0.17 25.79 -5.20
CA HIS D 76 -0.77 26.89 -4.49
C HIS D 76 -1.27 26.42 -3.11
N THR D 77 -1.95 25.27 -3.09
CA THR D 77 -2.45 24.71 -1.87
C THR D 77 -1.32 24.42 -0.84
N MET D 78 -0.25 23.76 -1.29
CA MET D 78 0.72 23.47 -0.25
C MET D 78 1.47 24.73 0.17
N SER D 79 1.59 25.73 -0.71
CA SER D 79 2.30 26.92 -0.24
C SER D 79 1.46 27.60 0.90
N LEU D 80 0.14 27.49 0.88
CA LEU D 80 -0.67 28.08 1.98
C LEU D 80 -0.56 27.18 3.19
N MET D 81 -0.53 25.87 2.97
CA MET D 81 -0.37 24.95 4.09
C MET D 81 0.92 25.27 4.82
N HIS D 82 2.00 25.52 4.08
CA HIS D 82 3.25 25.82 4.76
C HIS D 82 3.24 27.26 5.32
N ASP D 83 2.56 28.16 4.62
CA ASP D 83 2.48 29.55 5.06
C ASP D 83 1.71 29.67 6.39
N ASP D 84 0.73 28.82 6.62
CA ASP D 84 -0.04 28.86 7.86
C ASP D 84 0.65 28.35 9.11
N LEU D 85 1.75 27.57 8.95
CA LEU D 85 2.47 27.00 10.10
C LEU D 85 2.95 28.02 11.15
N PRO D 86 3.10 27.59 12.41
CA PRO D 86 3.56 28.46 13.50
C PRO D 86 4.86 29.19 13.17
N CYS D 87 5.81 28.52 12.52
CA CYS D 87 7.07 29.17 12.17
C CYS D 87 6.96 30.19 11.06
N MET D 88 5.81 30.23 10.41
CA MET D 88 5.56 31.15 9.29
C MET D 88 4.49 32.18 9.76
N ASP D 89 3.25 32.11 9.27
CA ASP D 89 2.21 33.05 9.69
C ASP D 89 1.47 32.64 10.91
N ASN D 90 1.59 31.37 11.29
CA ASN D 90 0.94 30.90 12.50
C ASN D 90 -0.56 31.19 12.53
N ASP D 91 -1.30 30.69 11.55
CA ASP D 91 -2.75 30.91 11.50
C ASP D 91 -3.53 29.68 11.97
N ASP D 92 -4.51 29.88 12.85
CA ASP D 92 -5.31 28.72 13.31
C ASP D 92 -6.51 28.42 12.42
N LEU D 93 -6.89 29.38 11.56
CA LEU D 93 -8.05 29.19 10.66
C LEU D 93 -7.73 29.71 9.30
N ARG D 94 -8.45 29.19 8.30
CA ARG D 94 -8.33 29.61 6.90
C ARG D 94 -9.68 29.25 6.28
N ARG D 95 -10.26 30.14 5.47
CA ARG D 95 -11.56 29.85 4.82
C ARG D 95 -12.59 29.61 5.93
N GLY D 96 -12.29 30.08 7.14
CA GLY D 96 -13.20 29.84 8.26
C GLY D 96 -13.14 28.44 8.87
N LYS D 97 -12.22 27.60 8.39
CA LYS D 97 -12.06 26.22 8.90
C LYS D 97 -10.67 26.09 9.58
N PRO D 98 -10.47 25.09 10.47
CA PRO D 98 -9.14 25.01 11.08
C PRO D 98 -8.07 24.75 9.99
N THR D 99 -6.93 25.40 10.17
CA THR D 99 -5.80 25.24 9.25
C THR D 99 -5.34 23.78 9.30
N ASN D 100 -4.59 23.38 8.27
CA ASN D 100 -4.18 21.99 8.18
C ASN D 100 -3.41 21.48 9.40
N HIS D 101 -2.43 22.20 9.89
CA HIS D 101 -1.68 21.66 11.03
C HIS D 101 -2.51 21.64 12.32
N MET D 102 -3.55 22.45 12.38
CA MET D 102 -4.37 22.43 13.57
C MET D 102 -5.26 21.20 13.54
N ALA D 103 -5.58 20.68 12.35
CA ALA D 103 -6.43 19.50 12.23
C ALA D 103 -5.63 18.21 12.26
N PHE D 104 -4.40 18.26 11.72
CA PHE D 104 -3.59 17.07 11.60
C PHE D 104 -2.26 17.08 12.32
N GLY D 105 -1.88 18.20 12.90
CA GLY D 105 -0.59 18.24 13.56
C GLY D 105 0.37 18.86 12.58
N GLU D 106 1.43 19.47 13.10
CA GLU D 106 2.37 20.13 12.21
C GLU D 106 3.19 19.17 11.37
N SER D 107 3.52 18.02 11.92
CA SER D 107 4.34 17.09 11.16
C SER D 107 3.65 16.59 9.86
N VAL D 108 2.37 16.26 9.96
CA VAL D 108 1.56 15.83 8.79
C VAL D 108 1.40 17.00 7.82
N ALA D 109 1.12 18.20 8.33
CA ALA D 109 0.95 19.35 7.44
C ALA D 109 2.18 19.63 6.65
N VAL D 110 3.37 19.53 7.26
CA VAL D 110 4.60 19.80 6.53
C VAL D 110 4.75 18.72 5.41
N LEU D 111 4.63 17.44 5.77
CA LEU D 111 4.80 16.32 4.80
C LEU D 111 3.69 16.25 3.76
N ALA D 112 2.44 16.52 4.13
CA ALA D 112 1.34 16.50 3.16
C ALA D 112 1.59 17.62 2.21
N GLY D 113 2.13 18.74 2.70
CA GLY D 113 2.47 19.84 1.80
C GLY D 113 3.57 19.41 0.79
N ASP D 114 4.61 18.80 1.32
CA ASP D 114 5.69 18.31 0.45
C ASP D 114 5.17 17.28 -0.54
N ALA D 115 4.17 16.50 -0.11
CA ALA D 115 3.58 15.47 -0.98
C ALA D 115 2.89 16.12 -2.20
N LEU D 116 2.13 17.17 -1.94
CA LEU D 116 1.46 17.95 -3.00
C LEU D 116 2.44 18.58 -3.98
N LEU D 117 3.56 19.08 -3.46
CA LEU D 117 4.60 19.68 -4.29
C LEU D 117 5.21 18.61 -5.24
N SER D 118 5.58 17.48 -4.66
CA SER D 118 6.15 16.40 -5.49
C SER D 118 5.10 15.85 -6.49
N PHE D 119 3.89 15.66 -6.00
CA PHE D 119 2.85 15.08 -6.82
C PHE D 119 2.48 16.01 -7.97
N ALA D 120 2.67 17.33 -7.80
CA ALA D 120 2.34 18.26 -8.89
C ALA D 120 3.18 17.86 -10.13
N PHE D 121 4.47 17.62 -9.92
CA PHE D 121 5.40 17.24 -10.99
C PHE D 121 5.07 15.87 -11.51
N GLU D 122 4.84 14.93 -10.59
CA GLU D 122 4.46 13.56 -11.02
C GLU D 122 3.22 13.55 -11.94
N HIS D 123 2.18 14.26 -11.49
CA HIS D 123 0.91 14.26 -12.20
C HIS D 123 1.00 14.92 -13.59
N VAL D 124 1.65 16.07 -13.69
CA VAL D 124 1.84 16.73 -14.99
C VAL D 124 2.69 15.79 -15.91
N ALA D 125 3.76 15.20 -15.36
CA ALA D 125 4.62 14.34 -16.16
C ALA D 125 3.97 13.05 -16.64
N ALA D 126 3.21 12.43 -15.76
CA ALA D 126 2.61 11.14 -16.07
C ALA D 126 1.22 11.15 -16.69
N ALA D 127 0.40 12.14 -16.32
CA ALA D 127 -0.96 12.17 -16.76
C ALA D 127 -1.29 13.05 -17.97
N THR D 128 -0.36 13.90 -18.37
CA THR D 128 -0.62 14.77 -19.50
C THR D 128 -0.64 14.00 -20.81
N LYS D 129 -1.74 14.13 -21.56
CA LYS D 129 -1.85 13.46 -22.86
C LYS D 129 -2.18 14.56 -23.89
N GLY D 130 -1.71 14.40 -25.12
CA GLY D 130 -2.01 15.38 -26.16
C GLY D 130 -0.91 16.39 -26.39
N ALA D 131 0.28 16.05 -25.91
CA ALA D 131 1.43 16.93 -26.05
C ALA D 131 2.63 16.02 -26.10
N PRO D 132 3.62 16.28 -26.97
CA PRO D 132 4.80 15.42 -27.03
C PRO D 132 5.67 15.56 -25.76
N PRO D 133 6.53 14.58 -25.51
CA PRO D 133 7.41 14.61 -24.34
C PRO D 133 8.27 15.84 -24.21
N GLU D 134 8.92 16.29 -25.29
CA GLU D 134 9.79 17.45 -25.17
C GLU D 134 8.98 18.63 -24.58
N ARG D 135 7.75 18.76 -25.03
CA ARG D 135 6.87 19.83 -24.58
C ARG D 135 6.45 19.65 -23.11
N ILE D 136 6.19 18.42 -22.70
CA ILE D 136 5.79 18.14 -21.30
C ILE D 136 7.02 18.46 -20.43
N VAL D 137 8.21 18.02 -20.85
CA VAL D 137 9.43 18.35 -20.13
C VAL D 137 9.67 19.87 -20.05
N ARG D 138 9.47 20.62 -21.15
CA ARG D 138 9.65 22.08 -21.13
C ARG D 138 8.71 22.75 -20.06
N VAL D 139 7.50 22.22 -19.98
CA VAL D 139 6.47 22.69 -19.05
C VAL D 139 6.89 22.36 -17.59
N LEU D 140 7.47 21.18 -17.38
CA LEU D 140 7.93 20.81 -16.04
C LEU D 140 9.02 21.79 -15.61
N GLY D 141 9.85 22.17 -16.57
CA GLY D 141 10.91 23.16 -16.31
C GLY D 141 10.32 24.52 -15.94
N GLU D 142 9.29 24.93 -16.68
CA GLU D 142 8.67 26.24 -16.41
C GLU D 142 8.01 26.23 -15.06
N LEU D 143 7.35 25.14 -14.72
CA LEU D 143 6.69 25.03 -13.40
C LEU D 143 7.75 25.18 -12.30
N ALA D 144 8.85 24.47 -12.47
CA ALA D 144 9.96 24.52 -11.50
C ALA D 144 10.51 25.94 -11.29
N VAL D 145 10.72 26.66 -12.39
CA VAL D 145 11.26 28.02 -12.32
C VAL D 145 10.26 29.00 -11.67
N SER D 146 8.97 28.82 -11.93
CA SER D 146 7.98 29.69 -11.37
C SER D 146 7.74 29.49 -9.85
N ILE D 147 8.15 28.33 -9.28
CA ILE D 147 7.87 28.10 -7.86
C ILE D 147 9.08 28.01 -6.94
N GLY D 148 10.25 28.11 -7.54
CA GLY D 148 11.49 27.99 -6.81
C GLY D 148 12.13 29.27 -6.35
N SER D 149 13.46 29.20 -6.26
CA SER D 149 14.30 30.31 -5.80
C SER D 149 14.28 31.59 -6.64
N GLU D 150 13.63 31.51 -7.81
CA GLU D 150 13.49 32.66 -8.68
C GLU D 150 12.01 32.84 -8.92
N GLY D 151 11.17 32.33 -8.02
CA GLY D 151 9.73 32.43 -8.20
C GLY D 151 9.05 32.47 -6.86
N LEU D 152 8.00 31.63 -6.69
CA LEU D 152 7.26 31.64 -5.42
C LEU D 152 8.14 31.61 -4.13
N VAL D 153 8.98 30.59 -3.96
CA VAL D 153 9.81 30.48 -2.72
C VAL D 153 10.68 31.75 -2.51
N ALA D 154 11.26 32.31 -3.57
CA ALA D 154 12.07 33.52 -3.35
C ALA D 154 11.20 34.67 -2.73
N GLY D 155 9.97 34.83 -3.22
CA GLY D 155 9.12 35.88 -2.67
C GLY D 155 8.88 35.67 -1.20
N GLN D 156 8.51 34.43 -0.85
CA GLN D 156 8.24 34.06 0.55
C GLN D 156 9.48 34.31 1.39
N VAL D 157 10.64 33.84 0.95
CA VAL D 157 11.86 34.02 1.75
C VAL D 157 12.25 35.48 1.93
N VAL D 158 12.17 36.26 0.84
CA VAL D 158 12.52 37.67 0.95
C VAL D 158 11.51 38.37 1.87
N ASP D 159 10.26 37.96 1.79
CA ASP D 159 9.22 38.51 2.63
C ASP D 159 9.46 38.21 4.12
N VAL D 160 9.69 36.95 4.52
CA VAL D 160 9.89 36.68 5.95
C VAL D 160 11.18 37.25 6.48
N CYS D 161 12.16 37.42 5.60
CA CYS D 161 13.47 37.97 5.99
C CYS D 161 13.47 39.49 5.97
N SER D 162 12.35 40.08 5.59
CA SER D 162 12.24 41.52 5.49
C SER D 162 11.10 42.04 6.35
N GLU D 163 10.95 41.47 7.55
CA GLU D 163 9.90 41.89 8.45
C GLU D 163 10.41 43.05 9.29
N GLY D 164 11.65 42.91 9.77
CA GLY D 164 12.26 43.95 10.60
C GLY D 164 12.77 45.17 9.85
N MET D 165 12.29 45.38 8.63
CA MET D 165 12.70 46.51 7.80
C MET D 165 11.84 47.76 8.01
N ALA D 166 12.16 48.82 7.26
CA ALA D 166 11.45 50.09 7.29
C ALA D 166 11.80 50.94 6.06
N GLU D 167 12.87 50.55 5.36
CA GLU D 167 13.33 51.25 4.15
C GLU D 167 12.72 50.69 2.86
N VAL D 168 11.69 49.84 3.01
CA VAL D 168 11.03 49.17 1.90
C VAL D 168 10.37 50.08 0.84
N GLY D 169 10.97 50.12 -0.34
CA GLY D 169 10.41 50.93 -1.42
C GLY D 169 9.83 50.12 -2.56
N LEU D 170 9.12 50.80 -3.47
CA LEU D 170 8.49 50.17 -4.63
C LEU D 170 9.24 48.97 -5.24
N ASP D 171 10.57 49.02 -5.28
CA ASP D 171 11.36 47.92 -5.86
C ASP D 171 11.28 46.67 -5.01
N HIS D 172 11.28 46.86 -3.69
CA HIS D 172 11.21 45.74 -2.75
C HIS D 172 9.82 45.12 -2.79
N LEU D 173 8.81 45.98 -2.76
CA LEU D 173 7.41 45.57 -2.79
C LEU D 173 7.10 44.88 -4.12
N GLU D 174 7.71 45.35 -5.20
CA GLU D 174 7.47 44.72 -6.50
C GLU D 174 8.12 43.33 -6.53
N PHE D 175 9.35 43.23 -6.02
CA PHE D 175 10.02 41.94 -5.99
C PHE D 175 9.18 40.88 -5.26
N ILE D 176 8.69 41.22 -4.06
CA ILE D 176 7.88 40.31 -3.27
C ILE D 176 6.61 39.88 -4.01
N HIS D 177 5.77 40.86 -4.37
CA HIS D 177 4.50 40.56 -5.05
C HIS D 177 4.70 39.84 -6.36
N HIS D 178 5.74 40.22 -7.11
CA HIS D 178 6.00 39.56 -8.39
C HIS D 178 6.41 38.12 -8.16
N HIS D 179 7.09 37.85 -7.04
CA HIS D 179 7.52 36.49 -6.76
C HIS D 179 6.52 35.66 -6.02
N LYS D 180 5.95 36.18 -4.94
CA LYS D 180 5.02 35.34 -4.23
C LYS D 180 3.61 35.33 -4.79
N THR D 181 3.38 36.10 -5.86
CA THR D 181 2.05 36.05 -6.41
C THR D 181 2.10 35.89 -7.86
N ALA D 182 2.82 36.79 -8.52
CA ALA D 182 2.86 36.73 -9.96
C ALA D 182 3.55 35.52 -10.54
N ALA D 183 4.64 35.07 -9.91
CA ALA D 183 5.37 33.96 -10.47
C ALA D 183 4.50 32.73 -10.71
N LEU D 184 3.70 32.31 -9.73
CA LEU D 184 2.85 31.14 -9.99
C LEU D 184 1.69 31.45 -11.02
N LEU D 185 1.25 32.70 -11.11
CA LEU D 185 0.21 32.99 -12.13
C LEU D 185 0.88 32.93 -13.46
N GLN D 186 2.06 33.53 -13.58
CA GLN D 186 2.77 33.44 -14.85
C GLN D 186 2.97 32.00 -15.22
N GLY D 187 3.47 31.20 -14.27
CA GLY D 187 3.65 29.80 -14.61
C GLY D 187 2.37 29.12 -15.09
N SER D 188 1.26 29.43 -14.44
CA SER D 188 -0.02 28.82 -14.81
C SER D 188 -0.37 29.13 -16.29
N VAL D 189 -0.23 30.41 -16.71
CA VAL D 189 -0.59 30.80 -18.07
C VAL D 189 0.38 30.14 -19.09
N VAL D 190 1.68 30.14 -18.76
CA VAL D 190 2.71 29.54 -19.60
C VAL D 190 2.56 28.04 -19.82
N LEU D 191 2.28 27.29 -18.75
CA LEU D 191 2.13 25.86 -18.96
C LEU D 191 1.00 25.63 -19.96
N GLY D 192 -0.11 26.38 -19.79
CA GLY D 192 -1.24 26.22 -20.70
C GLY D 192 -0.92 26.66 -22.14
N ALA D 193 -0.27 27.82 -22.30
CA ALA D 193 0.02 28.31 -23.66
C ALA D 193 0.94 27.32 -24.33
N ILE D 194 1.93 26.81 -23.59
CA ILE D 194 2.85 25.86 -24.24
C ILE D 194 2.18 24.53 -24.54
N LEU D 195 1.37 24.04 -23.62
CA LEU D 195 0.71 22.76 -23.83
C LEU D 195 -0.32 22.85 -24.93
N GLY D 196 -0.89 24.05 -25.10
CA GLY D 196 -1.89 24.21 -26.14
C GLY D 196 -1.26 24.25 -27.54
N GLY D 197 0.08 24.32 -27.61
CA GLY D 197 0.75 24.38 -28.89
C GLY D 197 1.07 25.83 -29.26
N GLY D 198 1.04 26.76 -28.31
CA GLY D 198 1.33 28.14 -28.65
C GLY D 198 2.71 28.43 -29.22
N LYS D 199 2.77 29.41 -30.13
CA LYS D 199 4.02 29.85 -30.76
C LYS D 199 4.70 30.71 -29.71
N GLU D 200 6.02 30.85 -29.86
CA GLU D 200 6.78 31.59 -28.89
C GLU D 200 6.28 32.99 -28.67
N GLU D 201 5.81 33.64 -29.73
CA GLU D 201 5.33 34.97 -29.49
C GLU D 201 4.08 35.01 -28.64
N GLU D 202 3.22 33.99 -28.78
CA GLU D 202 2.00 33.89 -28.01
C GLU D 202 2.36 33.62 -26.55
N VAL D 203 3.35 32.75 -26.36
CA VAL D 203 3.81 32.45 -25.00
C VAL D 203 4.35 33.74 -24.33
N ALA D 204 5.16 34.50 -25.06
CA ALA D 204 5.71 35.76 -24.59
C ALA D 204 4.62 36.74 -24.20
N LYS D 205 3.58 36.89 -25.03
CA LYS D 205 2.52 37.85 -24.69
C LYS D 205 1.78 37.43 -23.44
N LEU D 206 1.46 36.13 -23.37
CA LEU D 206 0.76 35.61 -22.21
C LEU D 206 1.63 35.69 -20.94
N ARG D 207 2.93 35.47 -21.09
CA ARG D 207 3.86 35.55 -19.92
C ARG D 207 3.78 37.02 -19.36
N LYS D 208 3.86 38.01 -20.23
CA LYS D 208 3.73 39.41 -19.77
C LYS D 208 2.33 39.70 -19.22
N PHE D 209 1.30 39.20 -19.89
CA PHE D 209 -0.06 39.37 -19.40
C PHE D 209 -0.17 38.89 -17.94
N ALA D 210 0.42 37.72 -17.66
CA ALA D 210 0.32 37.14 -16.31
C ALA D 210 1.06 37.97 -15.25
N ASN D 211 2.23 38.47 -15.63
CA ASN D 211 3.01 39.31 -14.72
C ASN D 211 2.19 40.53 -14.31
N CYS D 212 1.50 41.12 -15.29
CA CYS D 212 0.65 42.28 -15.03
C CYS D 212 -0.50 41.94 -14.14
N ILE D 213 -1.20 40.82 -14.35
CA ILE D 213 -2.34 40.63 -13.45
C ILE D 213 -1.81 40.15 -12.13
N GLY D 214 -0.58 39.63 -12.16
CA GLY D 214 0.05 39.20 -10.93
C GLY D 214 0.13 40.40 -9.99
N LEU D 215 0.89 41.41 -10.41
CA LEU D 215 1.08 42.61 -9.59
C LEU D 215 -0.24 43.22 -9.23
N LEU D 216 -1.19 43.09 -10.15
CA LEU D 216 -2.53 43.60 -9.94
C LEU D 216 -3.25 42.72 -8.89
N PHE D 217 -3.01 41.42 -8.90
CA PHE D 217 -3.64 40.48 -7.92
C PHE D 217 -3.19 40.99 -6.53
N GLN D 218 -2.58 42.19 -6.50
CA GLN D 218 -2.03 42.81 -5.28
C GLN D 218 -2.33 44.29 -5.06
N VAL D 219 -1.81 45.15 -5.94
CA VAL D 219 -2.03 46.58 -5.84
C VAL D 219 -3.47 46.89 -5.47
N VAL D 220 -4.41 46.23 -6.15
CA VAL D 220 -5.82 46.42 -5.83
C VAL D 220 -6.04 45.69 -4.52
N ASP D 221 -5.47 44.48 -4.43
CA ASP D 221 -5.60 43.67 -3.24
C ASP D 221 -5.23 44.39 -1.95
N ASP D 222 -4.46 45.48 -2.03
CA ASP D 222 -4.14 46.20 -0.81
C ASP D 222 -5.44 46.88 -0.50
N ILE D 223 -6.02 47.48 -1.53
CA ILE D 223 -7.31 48.15 -1.38
C ILE D 223 -8.37 47.04 -1.31
N LEU D 224 -7.92 45.85 -0.86
CA LEU D 224 -8.75 44.64 -0.68
C LEU D 224 -8.31 43.84 0.56
N ASP D 225 -7.06 44.04 0.98
CA ASP D 225 -6.48 43.36 2.13
C ASP D 225 -6.33 44.35 3.29
N VAL D 226 -6.07 45.61 2.98
CA VAL D 226 -5.94 46.62 4.02
C VAL D 226 -7.32 47.25 4.26
N THR D 227 -8.02 47.57 3.16
CA THR D 227 -9.35 48.16 3.23
C THR D 227 -10.20 47.70 2.04
N THR D 246 3.95 49.41 4.97
CA THR D 246 4.77 48.86 3.85
C THR D 246 4.06 48.97 2.49
N THR D 247 2.73 48.85 2.49
CA THR D 247 1.87 48.90 1.29
C THR D 247 2.11 50.03 0.26
N TYR D 248 1.27 50.04 -0.78
CA TYR D 248 1.34 51.04 -1.85
C TYR D 248 0.63 52.33 -1.46
N PRO D 249 -0.57 52.22 -0.84
CA PRO D 249 -1.24 53.48 -0.45
C PRO D 249 -0.41 54.15 0.64
N LYS D 250 0.59 53.43 1.15
CA LYS D 250 1.50 53.94 2.18
C LYS D 250 2.65 54.64 1.48
N LEU D 251 2.95 54.19 0.27
CA LEU D 251 4.02 54.77 -0.53
C LEU D 251 3.48 55.76 -1.57
N ILE D 252 2.17 55.79 -1.77
CA ILE D 252 1.56 56.71 -2.75
C ILE D 252 0.09 57.09 -2.42
N GLY D 253 -0.51 56.38 -1.47
CA GLY D 253 -1.88 56.67 -1.09
C GLY D 253 -2.89 56.28 -2.14
N VAL D 254 -4.07 55.85 -1.72
CA VAL D 254 -5.14 55.43 -2.62
C VAL D 254 -5.31 56.39 -3.80
N GLU D 255 -4.63 57.52 -3.72
CA GLU D 255 -4.68 58.53 -4.79
C GLU D 255 -4.18 57.87 -6.07
N LYS D 256 -2.88 57.58 -6.10
CA LYS D 256 -2.27 56.94 -7.25
C LYS D 256 -2.08 55.43 -7.03
N SER D 257 -2.87 54.85 -6.14
CA SER D 257 -2.82 53.41 -5.88
C SER D 257 -3.82 52.80 -6.84
N LYS D 258 -5.06 53.27 -6.70
CA LYS D 258 -6.16 52.81 -7.55
C LYS D 258 -5.89 53.26 -8.98
N GLU D 259 -4.84 54.06 -9.14
CA GLU D 259 -4.45 54.54 -10.44
C GLU D 259 -3.45 53.54 -11.02
N PHE D 260 -2.67 52.91 -10.16
CA PHE D 260 -1.64 51.93 -10.57
C PHE D 260 -2.29 50.67 -11.10
N ALA D 261 -3.33 50.21 -10.40
CA ALA D 261 -4.06 49.02 -10.78
C ALA D 261 -4.75 49.23 -12.12
N ASP D 262 -5.23 50.46 -12.35
CA ASP D 262 -5.89 50.78 -13.60
C ASP D 262 -4.90 50.75 -14.78
N ARG D 263 -3.63 51.06 -14.50
CA ARG D 263 -2.61 51.03 -15.55
C ARG D 263 -2.14 49.59 -15.76
N LEU D 264 -2.16 48.79 -14.69
CA LEU D 264 -1.73 47.39 -14.77
C LEU D 264 -2.75 46.56 -15.57
N ASN D 265 -4.04 46.82 -15.31
CA ASN D 265 -5.11 46.14 -15.99
C ASN D 265 -5.01 46.51 -17.46
N ARG D 266 -4.84 47.79 -17.74
CA ARG D 266 -4.72 48.22 -19.13
C ARG D 266 -3.57 47.54 -19.85
N GLU D 267 -2.38 47.48 -19.24
CA GLU D 267 -1.24 46.82 -19.89
C GLU D 267 -1.49 45.32 -20.07
N ALA D 268 -2.26 44.73 -19.14
CA ALA D 268 -2.58 43.30 -19.21
C ALA D 268 -3.44 43.12 -20.46
N GLN D 269 -4.51 43.89 -20.52
CA GLN D 269 -5.41 43.79 -21.64
C GLN D 269 -4.81 44.13 -23.00
N GLU D 270 -3.76 44.95 -22.97
CA GLU D 270 -3.03 45.32 -24.17
C GLU D 270 -2.31 44.12 -24.74
N GLN D 271 -1.78 43.28 -23.86
CA GLN D 271 -1.10 42.06 -24.35
C GLN D 271 -2.11 41.14 -25.08
N LEU D 272 -3.32 41.12 -24.58
CA LEU D 272 -4.38 40.27 -25.15
C LEU D 272 -4.85 40.73 -26.52
N LEU D 273 -4.40 41.91 -26.94
CA LEU D 273 -4.77 42.45 -28.25
C LEU D 273 -4.10 41.64 -29.36
N HIS D 274 -3.16 40.78 -28.98
CA HIS D 274 -2.43 39.97 -29.95
C HIS D 274 -3.38 38.93 -30.58
N PHE D 275 -4.39 38.55 -29.79
CA PHE D 275 -5.35 37.51 -30.12
C PHE D 275 -6.69 38.05 -30.60
N HIS D 276 -7.46 37.21 -31.29
CA HIS D 276 -8.79 37.63 -31.74
C HIS D 276 -9.61 37.90 -30.46
N PRO D 277 -10.30 39.03 -30.37
CA PRO D 277 -11.08 39.34 -29.16
C PRO D 277 -12.11 38.33 -28.69
N HIS D 278 -12.67 37.55 -29.60
CA HIS D 278 -13.66 36.57 -29.15
C HIS D 278 -12.92 35.49 -28.32
N ARG D 279 -11.77 35.02 -28.82
CA ARG D 279 -10.96 33.98 -28.13
C ARG D 279 -10.41 34.54 -26.80
N ALA D 280 -10.08 35.82 -26.79
CA ALA D 280 -9.52 36.45 -25.59
C ALA D 280 -10.47 36.79 -24.43
N ALA D 281 -11.78 36.72 -24.63
CA ALA D 281 -12.76 37.12 -23.61
C ALA D 281 -12.59 36.50 -22.24
N PRO D 282 -12.33 35.18 -22.17
CA PRO D 282 -12.17 34.65 -20.82
C PRO D 282 -11.02 35.33 -20.07
N LEU D 283 -9.85 35.50 -20.69
CA LEU D 283 -8.74 36.19 -20.00
C LEU D 283 -9.00 37.67 -19.80
N ILE D 284 -9.64 38.35 -20.77
CA ILE D 284 -9.95 39.78 -20.56
C ILE D 284 -10.81 39.89 -19.29
N ALA D 285 -11.73 38.96 -19.12
CA ALA D 285 -12.61 38.95 -17.95
C ALA D 285 -11.91 38.35 -16.70
N LEU D 286 -11.09 37.33 -16.86
CA LEU D 286 -10.40 36.78 -15.70
C LEU D 286 -9.52 37.86 -15.13
N ALA D 287 -9.28 38.89 -15.94
CA ALA D 287 -8.46 40.03 -15.55
C ALA D 287 -9.26 41.20 -14.99
N ASN D 288 -10.52 41.37 -15.40
CA ASN D 288 -11.33 42.48 -14.88
C ASN D 288 -11.84 42.06 -13.51
N TYR D 289 -12.03 40.76 -13.34
CA TYR D 289 -12.44 40.21 -12.06
C TYR D 289 -11.20 40.52 -11.21
N ILE D 290 -10.13 39.75 -11.45
CA ILE D 290 -8.81 39.86 -10.77
C ILE D 290 -8.47 41.29 -10.35
N ALA D 291 -9.10 42.26 -10.99
CA ALA D 291 -8.89 43.65 -10.63
C ALA D 291 -9.98 43.92 -9.62
N TYR D 292 -11.21 44.02 -10.14
CA TYR D 292 -12.44 44.31 -9.37
C TYR D 292 -12.99 43.11 -8.56
N ARG D 293 -12.24 42.66 -7.57
CA ARG D 293 -12.67 41.52 -6.74
C ARG D 293 -12.53 41.95 -5.29
N ASP D 294 -13.34 41.41 -4.39
CA ASP D 294 -13.22 41.79 -2.99
C ASP D 294 -12.53 40.71 -2.14
N ASN D 295 -11.95 39.71 -2.82
CA ASN D 295 -11.24 38.62 -2.15
C ASN D 295 -10.42 37.74 -3.13
#